data_5KI6
#
_entry.id   5KI6
#
_cell.length_a   63.276
_cell.length_b   107.297
_cell.length_c   68.855
_cell.angle_alpha   90.00
_cell.angle_beta   107.44
_cell.angle_gamma   90.00
#
_symmetry.space_group_name_H-M   'P 1 21 1'
#
loop_
_entity.id
_entity.type
_entity.pdbx_description
1 polymer 'Protein argonaute-2'
2 polymer miR-122
3 non-polymer PHENOL
4 water water
#
loop_
_entity_poly.entity_id
_entity_poly.type
_entity_poly.pdbx_seq_one_letter_code
_entity_poly.pdbx_strand_id
1 'polypeptide(L)'
;MYSGAGPALAPPAPPPPIQGYAFKPPPRPDFGTSGRTIKLQANFFEMDIPKIDIYHYELDIKPEKCPRRVNREIVEHMVQ
HFKTQIFGDRKPVFDGRKNLYTAMPLPIGRDKVELEVTLPGEGKDRIFKVSIKWVSCVSLQALHDALSGRLPSVPFETIQ
ALDVVMRHLPSMRYTPVGRSFFTASEGCSNPLGGGREVWFGFHQSVRPSLWKMMLNIDVSATAFYKAQPVIEFVCEVLDF
KSIEEQQKPLTDSQRVKFTKEIKGLKVEITHCGQMKRKYRVCNVTRRPASHQTFPLQQESGQTVECTVAQYFKDRHKLVL
RYPHLPCLQVGQEQKHTYLPLEVCNIVAGQRCIKKLTDNQTSTMIRATARSAPDRQEEISKLMRSADFNTDPYVREFGIM
VKDEMTDVTGRVLQPPSILYGGRNKAIATPVQGVWDMRNKQFHTGIEIKVWAIACFAPQRQCTEVHLKSFTEQLRKISRD
AGMPIQGQPCFCKYAQGADSVEPMFRHLKNTYAGLQLVVVILPGKTPVYAEVKRVGDTVLGMATQCVQMKNVQRTTPQTL
SNLCLKINVKLGGVNNILLPQGRPPVFQQPVIFLGADVTHPPAGDGKKPSIAAVVGSMDAHPNRYCATVRVQQHRQEIIQ
DLAAMVRELLIQFYKSTRFKPTRIIFYRDGVSEGQFQQVLHHELLAIREACIKLEKDYQPGITFIVVQKRHHTRLFCTDK
NERVGKSGNIPAGTTVDTKITHPTEFDFYLCSHAGIQGTSRPSHYHVLWDDNRFSSDELQILTYQLCHTYVRCTRSVSIP
APAYYAHLVAFRARYHLVDKEHDSAEGSHTSGQSNGRDHQALAKAVQVHQDTLRTMYFA
;
A
2 'polyribonucleotide' (6U0)GGAGUGUGACAAUGGUGUUU B
#
loop_
_chem_comp.id
_chem_comp.type
_chem_comp.name
_chem_comp.formula
6U0 non-polymer '[(2~{R},3~{S},4~{R},5~{S})-3,4-bis(oxidanyl)-5-[1-[(2-phenyl-1~{H}-imidazol-5-yl)methyl]-1,2,3-triazol-4-yl]oxolan-2-yl]methyl dihydrogen phosphate' 'C17 H20 N5 O7 P'
A RNA linking ADENOSINE-5'-MONOPHOSPHATE 'C10 H14 N5 O7 P'
C RNA linking CYTIDINE-5'-MONOPHOSPHATE 'C9 H14 N3 O8 P'
G RNA linking GUANOSINE-5'-MONOPHOSPHATE 'C10 H14 N5 O8 P'
IPH non-polymer PHENOL 'C6 H6 O'
U RNA linking URIDINE-5'-MONOPHOSPHATE 'C9 H13 N2 O9 P'
#
# COMPACT_ATOMS: atom_id res chain seq x y z
N ALA A 22 -10.38 -16.53 19.80
CA ALA A 22 -9.97 -15.25 19.26
C ALA A 22 -8.62 -14.84 19.83
N PHE A 23 -7.64 -15.74 19.75
CA PHE A 23 -6.38 -15.54 20.45
C PHE A 23 -5.14 -15.91 19.61
N LYS A 24 -4.90 -17.20 19.42
CA LYS A 24 -3.63 -17.66 18.86
C LYS A 24 -3.80 -18.29 17.47
N PRO A 25 -2.95 -17.90 16.51
CA PRO A 25 -2.99 -18.53 15.18
C PRO A 25 -2.77 -20.03 15.24
N PRO A 26 -3.42 -20.80 14.34
CA PRO A 26 -3.27 -22.26 14.37
C PRO A 26 -1.91 -22.71 13.87
N PRO A 27 -1.47 -23.91 14.28
CA PRO A 27 -0.20 -24.43 13.75
C PRO A 27 -0.34 -24.81 12.27
N ARG A 28 0.78 -24.93 11.58
CA ARG A 28 0.75 -25.38 10.19
C ARG A 28 0.17 -26.80 10.17
N PRO A 29 -0.93 -27.01 9.42
CA PRO A 29 -1.57 -28.33 9.45
C PRO A 29 -0.75 -29.38 8.72
N ASP A 30 -0.12 -28.99 7.62
CA ASP A 30 0.69 -29.89 6.82
C ASP A 30 1.44 -29.08 5.77
N PHE A 31 2.15 -29.76 4.89
CA PHE A 31 2.85 -29.12 3.79
C PHE A 31 2.20 -29.51 2.46
N GLY A 32 2.07 -28.54 1.57
CA GLY A 32 1.43 -28.77 0.29
C GLY A 32 2.22 -29.72 -0.60
N THR A 33 1.51 -30.48 -1.41
CA THR A 33 2.12 -31.46 -2.32
C THR A 33 1.58 -31.33 -3.75
N SER A 34 0.63 -30.42 -3.96
CA SER A 34 0.04 -30.23 -5.28
C SER A 34 0.92 -29.34 -6.16
N GLY A 35 0.91 -29.61 -7.46
CA GLY A 35 1.64 -28.80 -8.44
C GLY A 35 3.02 -29.37 -8.74
N ARG A 36 3.54 -29.04 -9.91
CA ARG A 36 4.84 -29.56 -10.32
C ARG A 36 5.96 -28.75 -9.66
N THR A 37 6.98 -29.44 -9.20
CA THR A 37 8.06 -28.79 -8.46
C THR A 37 8.87 -27.85 -9.37
N ILE A 38 9.51 -26.88 -8.73
CA ILE A 38 10.34 -25.91 -9.45
C ILE A 38 11.43 -25.40 -8.51
N LYS A 39 12.66 -25.34 -9.02
CA LYS A 39 13.79 -24.85 -8.23
C LYS A 39 13.80 -23.33 -8.18
N LEU A 40 13.83 -22.79 -6.96
CA LEU A 40 13.80 -21.35 -6.74
C LEU A 40 14.91 -20.90 -5.83
N GLN A 41 15.23 -19.60 -5.93
CA GLN A 41 16.07 -18.95 -4.96
C GLN A 41 15.32 -17.74 -4.39
N ALA A 42 15.46 -17.53 -3.10
CA ALA A 42 14.82 -16.42 -2.43
C ALA A 42 15.86 -15.49 -1.84
N ASN A 43 15.54 -14.21 -1.75
CA ASN A 43 16.46 -13.23 -1.18
C ASN A 43 16.49 -13.31 0.35
N PHE A 44 16.59 -14.54 0.85
CA PHE A 44 16.78 -14.83 2.27
C PHE A 44 18.15 -15.48 2.42
N PHE A 45 18.99 -14.94 3.30
CA PHE A 45 20.34 -15.47 3.50
C PHE A 45 20.48 -16.05 4.90
N GLU A 46 20.85 -17.33 4.97
CA GLU A 46 20.95 -18.04 6.23
C GLU A 46 21.91 -17.38 7.21
N MET A 47 21.46 -17.27 8.46
CA MET A 47 22.29 -16.74 9.54
C MET A 47 22.72 -17.86 10.47
N ASP A 48 24.03 -18.01 10.65
CA ASP A 48 24.56 -18.91 11.67
C ASP A 48 24.73 -18.14 12.96
N ILE A 49 23.98 -18.52 13.98
CA ILE A 49 23.92 -17.76 15.22
C ILE A 49 24.32 -18.62 16.42
N PRO A 50 25.19 -18.09 17.30
CA PRO A 50 25.63 -18.86 18.47
C PRO A 50 24.53 -18.99 19.52
N LYS A 51 24.71 -19.92 20.46
CA LYS A 51 23.72 -20.16 21.50
C LYS A 51 24.02 -19.35 22.76
N ILE A 52 24.86 -18.32 22.63
CA ILE A 52 25.27 -17.53 23.78
C ILE A 52 24.11 -16.70 24.33
N ASP A 53 24.37 -16.01 25.44
CA ASP A 53 23.43 -15.03 25.98
C ASP A 53 23.83 -13.63 25.54
N ILE A 54 22.84 -12.84 25.14
CA ILE A 54 23.04 -11.43 24.85
C ILE A 54 22.56 -10.63 26.05
N TYR A 55 23.29 -9.55 26.36
CA TYR A 55 23.01 -8.75 27.55
C TYR A 55 22.40 -7.40 27.16
N HIS A 56 21.17 -7.18 27.60
CA HIS A 56 20.37 -6.04 27.18
C HIS A 56 20.37 -4.92 28.22
N TYR A 57 20.88 -3.76 27.83
CA TYR A 57 20.99 -2.60 28.71
C TYR A 57 20.07 -1.47 28.24
N GLU A 58 19.37 -0.85 29.19
CA GLU A 58 18.48 0.27 28.89
C GLU A 58 19.21 1.60 29.04
N LEU A 59 18.98 2.51 28.10
CA LEU A 59 19.64 3.82 28.09
C LEU A 59 18.63 4.96 28.12
N ASP A 60 18.42 5.52 29.31
CA ASP A 60 17.59 6.71 29.47
C ASP A 60 18.47 7.95 29.48
N ILE A 61 18.58 8.59 28.31
CA ILE A 61 19.42 9.78 28.16
C ILE A 61 18.56 11.03 28.26
N LYS A 62 19.14 12.10 28.81
CA LYS A 62 18.45 13.37 28.97
C LYS A 62 19.25 14.49 28.30
N PRO A 63 18.62 15.26 27.38
CA PRO A 63 17.24 15.20 26.87
C PRO A 63 16.86 13.85 26.27
N GLU A 64 15.56 13.57 26.22
CA GLU A 64 15.04 12.25 25.88
C GLU A 64 14.19 12.26 24.62
N LYS A 65 14.22 13.37 23.89
CA LYS A 65 13.43 13.53 22.66
C LYS A 65 14.32 13.81 21.45
N CYS A 66 15.62 13.66 21.63
CA CYS A 66 16.57 13.90 20.55
C CYS A 66 16.36 12.90 19.41
N PRO A 67 16.76 13.26 18.19
CA PRO A 67 16.67 12.34 17.06
C PRO A 67 17.56 11.11 17.25
N ARG A 68 17.17 9.99 16.66
CA ARG A 68 17.90 8.74 16.82
C ARG A 68 19.36 8.87 16.42
N ARG A 69 19.63 9.65 15.39
CA ARG A 69 21.00 9.88 14.93
C ARG A 69 21.86 10.49 16.04
N VAL A 70 21.34 11.54 16.67
CA VAL A 70 22.05 12.19 17.77
C VAL A 70 22.26 11.19 18.90
N ASN A 71 21.23 10.41 19.20
CA ASN A 71 21.33 9.37 20.21
C ASN A 71 22.48 8.41 19.88
N ARG A 72 22.59 8.05 18.60
CA ARG A 72 23.65 7.16 18.16
C ARG A 72 25.00 7.82 18.33
N GLU A 73 25.06 9.13 18.10
CA GLU A 73 26.31 9.87 18.29
C GLU A 73 26.64 10.01 19.76
N ILE A 74 25.62 10.23 20.59
CA ILE A 74 25.79 10.27 22.02
C ILE A 74 26.41 8.95 22.50
N VAL A 75 25.78 7.85 22.09
CA VAL A 75 26.28 6.52 22.43
C VAL A 75 27.63 6.24 21.81
N GLU A 76 27.83 6.70 20.57
CA GLU A 76 29.09 6.48 19.87
C GLU A 76 30.28 7.01 20.65
N HIS A 77 30.23 8.28 21.02
CA HIS A 77 31.32 8.90 21.78
C HIS A 77 31.39 8.32 23.19
N MET A 78 30.23 8.00 23.75
CA MET A 78 30.13 7.43 25.10
C MET A 78 30.95 6.15 25.22
N VAL A 79 30.80 5.25 24.26
CA VAL A 79 31.48 3.97 24.30
C VAL A 79 32.99 4.15 24.31
N GLN A 80 33.47 5.06 23.47
CA GLN A 80 34.90 5.30 23.34
C GLN A 80 35.45 6.09 24.53
N HIS A 81 34.64 7.02 25.02
CA HIS A 81 35.05 7.89 26.13
C HIS A 81 35.22 7.09 27.42
N PHE A 82 34.33 6.13 27.65
CA PHE A 82 34.36 5.31 28.85
C PHE A 82 34.85 3.90 28.56
N LYS A 83 35.78 3.79 27.61
CA LYS A 83 36.33 2.50 27.24
C LYS A 83 37.17 1.92 28.38
N THR A 84 37.82 2.79 29.14
CA THR A 84 38.74 2.34 30.18
C THR A 84 38.01 1.76 31.39
N GLN A 85 36.85 2.33 31.74
CA GLN A 85 36.20 2.02 33.00
C GLN A 85 34.85 1.31 32.88
N ILE A 86 34.28 1.26 31.68
CA ILE A 86 32.96 0.67 31.48
C ILE A 86 32.95 -0.41 30.40
N PHE A 87 33.16 -0.02 29.14
CA PHE A 87 32.91 -0.92 28.02
C PHE A 87 34.07 -1.86 27.69
N GLY A 88 35.30 -1.42 27.96
CA GLY A 88 36.46 -2.24 27.64
C GLY A 88 36.63 -2.40 26.14
N ASP A 89 36.89 -3.62 25.71
CA ASP A 89 37.10 -3.91 24.28
C ASP A 89 35.82 -4.38 23.60
N ARG A 90 34.72 -4.41 24.35
CA ARG A 90 33.44 -4.87 23.82
C ARG A 90 32.85 -3.85 22.85
N LYS A 91 32.21 -4.36 21.80
CA LYS A 91 31.59 -3.52 20.77
C LYS A 91 30.07 -3.58 20.87
N PRO A 92 29.47 -2.65 21.63
CA PRO A 92 28.01 -2.67 21.79
C PRO A 92 27.27 -2.19 20.55
N VAL A 93 26.04 -2.67 20.38
CA VAL A 93 25.15 -2.21 19.32
C VAL A 93 23.99 -1.46 19.96
N PHE A 94 23.42 -0.52 19.22
CA PHE A 94 22.45 0.43 19.76
C PHE A 94 21.31 0.66 18.76
N ASP A 95 20.08 0.67 19.26
CA ASP A 95 18.90 0.72 18.39
C ASP A 95 18.48 2.15 18.05
N GLY A 96 19.11 3.13 18.70
CA GLY A 96 18.83 4.53 18.43
C GLY A 96 17.97 5.19 19.50
N ARG A 97 17.32 4.37 20.33
CA ARG A 97 16.41 4.88 21.35
C ARG A 97 16.95 4.63 22.76
N LYS A 98 16.60 3.47 23.33
CA LYS A 98 16.92 3.16 24.72
C LYS A 98 17.71 1.88 24.90
N ASN A 99 17.75 1.04 23.86
CA ASN A 99 18.28 -0.31 24.00
C ASN A 99 19.69 -0.48 23.42
N LEU A 100 20.61 -0.94 24.28
CA LEU A 100 21.98 -1.22 23.89
C LEU A 100 22.33 -2.67 24.26
N TYR A 101 22.95 -3.38 23.32
CA TYR A 101 23.26 -4.80 23.51
C TYR A 101 24.77 -5.07 23.45
N THR A 102 25.21 -6.07 24.20
CA THR A 102 26.60 -6.51 24.18
C THR A 102 26.68 -8.03 24.10
N ALA A 103 27.71 -8.53 23.45
CA ALA A 103 27.93 -9.96 23.33
C ALA A 103 28.47 -10.52 24.65
N MET A 104 28.99 -9.63 25.49
CA MET A 104 29.50 -9.99 26.80
C MET A 104 29.00 -8.99 27.84
N PRO A 105 28.83 -9.43 29.09
CA PRO A 105 28.26 -8.57 30.13
C PRO A 105 29.17 -7.40 30.50
N LEU A 106 28.60 -6.20 30.59
CA LEU A 106 29.36 -5.03 31.03
C LEU A 106 29.53 -5.08 32.56
N PRO A 107 30.70 -4.64 33.04
CA PRO A 107 30.98 -4.62 34.49
C PRO A 107 30.17 -3.57 35.24
N ILE A 108 28.90 -3.57 34.95
CA ILE A 108 27.94 -2.81 35.65
C ILE A 108 26.98 -3.95 35.93
N GLY A 109 26.65 -4.13 37.20
CA GLY A 109 25.82 -5.27 37.54
C GLY A 109 24.38 -4.88 37.51
N ARG A 110 23.68 -5.21 38.58
CA ARG A 110 22.30 -4.86 38.66
C ARG A 110 22.17 -3.34 38.62
N ASP A 111 23.02 -2.62 39.35
CA ASP A 111 23.00 -1.17 39.48
C ASP A 111 23.27 -0.26 38.28
N LYS A 112 22.43 0.76 38.21
CA LYS A 112 22.42 1.86 37.28
C LYS A 112 23.58 2.76 37.51
N VAL A 113 24.16 3.20 36.43
CA VAL A 113 25.30 4.11 36.39
C VAL A 113 24.95 5.38 35.61
N GLU A 114 25.16 6.52 36.24
CA GLU A 114 24.90 7.82 35.61
C GLU A 114 26.19 8.40 35.03
N LEU A 115 26.17 8.71 33.74
CA LEU A 115 27.34 9.27 33.05
C LEU A 115 26.99 10.58 32.35
N GLU A 116 28.03 11.38 32.11
CA GLU A 116 27.90 12.61 31.33
C GLU A 116 28.48 12.43 29.94
N VAL A 117 27.78 12.93 28.93
CA VAL A 117 28.26 12.91 27.56
C VAL A 117 28.26 14.32 26.99
N THR A 118 29.42 14.74 26.49
CA THR A 118 29.59 16.05 25.88
C THR A 118 29.93 15.94 24.40
N LEU A 119 29.13 16.59 23.56
CA LEU A 119 29.34 16.56 22.11
C LEU A 119 29.92 17.88 21.61
N ARG A 126 24.73 20.47 23.93
CA ARG A 126 25.97 19.75 23.67
C ARG A 126 26.29 18.78 24.82
N ILE A 127 25.55 18.90 25.92
CA ILE A 127 25.77 18.07 27.10
C ILE A 127 24.60 17.11 27.28
N PHE A 128 24.90 15.86 27.63
CA PHE A 128 23.87 14.84 27.75
C PHE A 128 24.07 13.97 28.99
N LYS A 129 23.00 13.79 29.76
CA LYS A 129 22.99 12.93 30.93
C LYS A 129 22.58 11.52 30.52
N VAL A 130 23.56 10.62 30.41
CA VAL A 130 23.31 9.25 30.00
C VAL A 130 23.36 8.30 31.18
N SER A 131 22.28 7.54 31.37
CA SER A 131 22.22 6.51 32.40
C SER A 131 22.12 5.12 31.76
N ILE A 132 22.95 4.21 32.23
CA ILE A 132 22.97 2.83 31.73
C ILE A 132 22.62 1.85 32.85
N LYS A 133 21.67 0.96 32.56
CA LYS A 133 21.22 -0.02 33.53
C LYS A 133 20.84 -1.33 32.83
N TRP A 134 21.36 -2.44 33.33
CA TRP A 134 21.09 -3.74 32.76
C TRP A 134 19.63 -4.13 33.03
N VAL A 135 18.99 -4.76 32.03
CA VAL A 135 17.58 -5.13 32.11
C VAL A 135 17.40 -6.65 32.13
N SER A 136 17.91 -7.32 31.09
CA SER A 136 17.67 -8.75 30.92
C SER A 136 18.75 -9.45 30.10
N CYS A 137 18.71 -10.78 30.15
CA CYS A 137 19.56 -11.61 29.28
C CYS A 137 18.73 -12.16 28.14
N VAL A 138 19.08 -11.80 26.91
CA VAL A 138 18.42 -12.33 25.73
C VAL A 138 19.06 -13.68 25.39
N SER A 139 18.30 -14.75 25.56
CA SER A 139 18.79 -16.10 25.34
C SER A 139 18.65 -16.52 23.87
N LEU A 140 19.77 -16.65 23.18
CA LEU A 140 19.77 -17.13 21.80
C LEU A 140 19.47 -18.63 21.77
N GLN A 141 19.77 -19.31 22.87
CA GLN A 141 19.43 -20.71 23.02
C GLN A 141 17.91 -20.88 22.95
N ALA A 142 17.20 -19.97 23.61
CA ALA A 142 15.75 -19.98 23.63
C ALA A 142 15.18 -19.71 22.23
N LEU A 143 15.97 -19.06 21.38
CA LEU A 143 15.55 -18.78 20.02
C LEU A 143 15.64 -20.03 19.16
N HIS A 144 16.78 -20.72 19.24
CA HIS A 144 16.99 -21.97 18.51
C HIS A 144 15.86 -22.96 18.76
N ASP A 145 15.45 -23.06 20.03
CA ASP A 145 14.41 -24.00 20.43
C ASP A 145 13.04 -23.58 19.89
N ALA A 146 12.84 -22.27 19.79
CA ALA A 146 11.62 -21.73 19.18
C ALA A 146 11.60 -22.07 17.70
N LEU A 147 12.79 -22.16 17.10
CA LEU A 147 12.91 -22.51 15.69
C LEU A 147 12.71 -24.01 15.45
N SER A 148 12.33 -24.75 16.48
CA SER A 148 12.00 -26.16 16.31
C SER A 148 10.83 -26.54 17.20
N GLY A 149 9.66 -26.01 16.86
CA GLY A 149 8.48 -26.19 17.68
C GLY A 149 8.52 -25.21 18.83
N ARG A 150 8.17 -25.67 20.03
CA ARG A 150 8.08 -24.81 21.20
C ARG A 150 7.26 -23.57 20.85
N LEU A 151 6.16 -23.80 20.14
CA LEU A 151 5.39 -22.72 19.55
C LEU A 151 4.50 -22.03 20.59
N VAL A 154 7.83 -18.07 19.33
CA VAL A 154 9.02 -17.30 18.96
C VAL A 154 9.09 -16.01 19.77
N PRO A 155 10.20 -15.82 20.52
CA PRO A 155 10.31 -14.58 21.31
C PRO A 155 10.73 -13.38 20.46
N PHE A 156 9.84 -12.40 20.38
CA PHE A 156 10.07 -11.16 19.61
C PHE A 156 11.34 -10.44 20.04
N GLU A 157 11.60 -10.42 21.35
CA GLU A 157 12.73 -9.69 21.92
C GLU A 157 14.06 -10.13 21.34
N THR A 158 14.23 -11.43 21.15
CA THR A 158 15.48 -11.98 20.66
C THR A 158 15.69 -11.64 19.18
N ILE A 159 14.64 -11.78 18.38
CA ILE A 159 14.72 -11.43 16.96
C ILE A 159 15.06 -9.96 16.81
N GLN A 160 14.43 -9.12 17.62
CA GLN A 160 14.67 -7.69 17.56
C GLN A 160 16.11 -7.36 17.87
N ALA A 161 16.66 -8.05 18.88
CA ALA A 161 18.04 -7.83 19.29
C ALA A 161 19.01 -8.18 18.15
N LEU A 162 18.77 -9.29 17.49
CA LEU A 162 19.58 -9.68 16.34
C LEU A 162 19.50 -8.62 15.26
N ASP A 163 18.31 -8.12 15.03
CA ASP A 163 18.08 -7.09 14.03
C ASP A 163 18.92 -5.85 14.33
N VAL A 164 19.00 -5.50 15.61
CA VAL A 164 19.80 -4.36 16.04
C VAL A 164 21.29 -4.61 15.76
N VAL A 165 21.73 -5.84 15.97
CA VAL A 165 23.12 -6.20 15.71
C VAL A 165 23.44 -6.03 14.23
N MET A 166 22.59 -6.57 13.38
CA MET A 166 22.86 -6.60 11.94
C MET A 166 22.77 -5.23 11.30
N ARG A 167 21.94 -4.35 11.86
CA ARG A 167 21.71 -3.04 11.26
C ARG A 167 22.38 -1.92 12.03
N HIS A 168 23.26 -2.26 12.97
CA HIS A 168 23.96 -1.24 13.73
C HIS A 168 24.94 -0.47 12.86
N LEU A 169 25.74 -1.19 12.07
CA LEU A 169 26.76 -0.53 11.27
C LEU A 169 26.15 0.27 10.13
N PRO A 170 25.18 -0.31 9.38
CA PRO A 170 24.55 0.51 8.33
C PRO A 170 23.83 1.73 8.90
N SER A 171 23.34 1.65 10.13
CA SER A 171 22.64 2.78 10.75
C SER A 171 23.60 3.95 10.98
N MET A 172 24.89 3.64 11.06
CA MET A 172 25.92 4.66 11.21
C MET A 172 26.51 5.07 9.86
N ARG A 173 26.43 4.14 8.91
CA ARG A 173 27.07 4.31 7.61
C ARG A 173 26.08 4.79 6.54
N TYR A 174 24.79 4.78 6.87
CA TYR A 174 23.74 5.17 5.92
C TYR A 174 22.71 6.09 6.55
N THR A 175 21.75 6.51 5.75
CA THR A 175 20.58 7.23 6.23
C THR A 175 19.42 6.25 6.41
N PRO A 176 19.18 5.81 7.65
CA PRO A 176 18.10 4.82 7.84
C PRO A 176 16.72 5.40 7.62
N VAL A 177 15.91 4.71 6.82
CA VAL A 177 14.53 5.09 6.56
C VAL A 177 13.63 3.87 6.72
N GLY A 178 12.94 3.78 7.85
CA GLY A 178 12.20 2.59 8.18
C GLY A 178 13.17 1.43 8.35
N ARG A 179 12.89 0.33 7.66
CA ARG A 179 13.79 -0.82 7.67
C ARG A 179 14.79 -0.76 6.51
N SER A 180 14.90 0.40 5.88
CA SER A 180 15.78 0.58 4.72
C SER A 180 16.94 1.54 5.00
N PHE A 181 17.90 1.56 4.08
CA PHE A 181 19.07 2.43 4.18
C PHE A 181 19.34 3.08 2.83
N PHE A 182 19.63 4.37 2.84
CA PHE A 182 19.84 5.13 1.60
C PHE A 182 21.06 6.06 1.69
N THR A 183 21.60 6.41 0.52
CA THR A 183 22.59 7.48 0.40
C THR A 183 22.28 8.33 -0.81
N ALA A 184 22.83 9.54 -0.83
CA ALA A 184 22.67 10.43 -1.99
C ALA A 184 23.51 9.92 -3.16
N SER A 185 22.90 9.88 -4.35
CA SER A 185 23.58 9.41 -5.55
C SER A 185 24.73 10.34 -5.93
N ASN A 190 18.36 12.19 -10.38
CA ASN A 190 17.28 11.30 -10.77
C ASN A 190 15.98 11.92 -10.30
N PRO A 191 15.66 13.04 -10.92
CA PRO A 191 14.48 13.85 -10.59
C PRO A 191 13.15 13.31 -11.05
N LEU A 192 12.10 13.83 -10.46
CA LEU A 192 10.76 13.45 -10.78
C LEU A 192 9.89 14.66 -11.04
N GLY A 193 10.37 15.82 -10.60
CA GLY A 193 9.66 17.08 -10.75
C GLY A 193 9.02 17.48 -9.43
N GLY A 194 8.85 18.78 -9.23
CA GLY A 194 8.24 19.28 -8.01
C GLY A 194 9.18 19.23 -6.81
N GLY A 195 10.48 19.15 -7.08
CA GLY A 195 11.48 19.11 -6.03
C GLY A 195 11.75 17.72 -5.51
N ARG A 196 11.41 16.72 -6.31
CA ARG A 196 11.54 15.32 -5.90
C ARG A 196 12.73 14.62 -6.56
N GLU A 197 13.30 13.66 -5.83
CA GLU A 197 14.38 12.82 -6.34
C GLU A 197 14.16 11.38 -5.91
N VAL A 198 14.61 10.44 -6.75
CA VAL A 198 14.55 9.03 -6.40
C VAL A 198 15.92 8.55 -5.92
N TRP A 199 15.97 8.14 -4.65
CA TRP A 199 17.18 7.55 -4.08
C TRP A 199 17.12 6.05 -4.16
N PHE A 200 18.26 5.41 -4.42
CA PHE A 200 18.36 3.96 -4.42
C PHE A 200 19.07 3.49 -3.16
N GLY A 201 18.45 2.54 -2.47
CA GLY A 201 18.99 1.99 -1.25
C GLY A 201 18.65 0.52 -1.14
N PHE A 202 18.49 0.04 0.09
CA PHE A 202 18.15 -1.35 0.30
C PHE A 202 17.36 -1.57 1.59
N HIS A 203 16.53 -2.62 1.58
CA HIS A 203 15.83 -3.07 2.76
C HIS A 203 16.59 -4.20 3.45
N GLN A 204 16.56 -4.20 4.78
CA GLN A 204 17.20 -5.25 5.56
C GLN A 204 16.32 -5.60 6.75
N SER A 205 16.11 -6.89 6.98
CA SER A 205 15.40 -7.36 8.16
C SER A 205 15.80 -8.79 8.50
N VAL A 206 15.84 -9.09 9.80
CA VAL A 206 16.09 -10.44 10.28
C VAL A 206 14.75 -11.14 10.47
N ARG A 207 14.63 -12.36 9.97
CA ARG A 207 13.36 -13.07 9.96
C ARG A 207 13.49 -14.53 10.41
N PRO A 208 12.50 -15.03 11.16
CA PRO A 208 12.51 -16.44 11.60
C PRO A 208 12.03 -17.40 10.53
N SER A 209 12.61 -18.60 10.51
CA SER A 209 12.16 -19.67 9.61
C SER A 209 12.25 -21.02 10.30
N LEU A 210 12.01 -22.09 9.56
CA LEU A 210 11.78 -23.42 10.16
C LEU A 210 12.96 -24.02 10.92
N TRP A 211 14.19 -23.59 10.62
CA TRP A 211 15.34 -24.11 11.35
C TRP A 211 16.38 -23.05 11.70
N LYS A 212 16.41 -21.98 10.90
CA LYS A 212 17.43 -20.95 11.04
C LYS A 212 16.86 -19.55 10.94
N MET A 213 17.63 -18.58 11.43
CA MET A 213 17.34 -17.18 11.19
C MET A 213 17.76 -16.82 9.77
N MET A 214 16.96 -15.98 9.12
CA MET A 214 17.24 -15.53 7.76
C MET A 214 17.45 -14.02 7.74
N LEU A 215 18.37 -13.58 6.89
CA LEU A 215 18.55 -12.15 6.64
C LEU A 215 17.92 -11.82 5.29
N ASN A 216 16.85 -11.02 5.35
CA ASN A 216 16.13 -10.60 4.16
C ASN A 216 16.71 -9.30 3.61
N ILE A 217 17.26 -9.38 2.40
CA ILE A 217 17.87 -8.23 1.75
C ILE A 217 17.22 -8.00 0.39
N ASP A 218 16.86 -6.75 0.12
CA ASP A 218 16.28 -6.41 -1.18
C ASP A 218 16.66 -4.98 -1.56
N VAL A 219 16.70 -4.72 -2.86
CA VAL A 219 16.95 -3.37 -3.34
C VAL A 219 15.71 -2.53 -3.07
N SER A 220 15.93 -1.24 -2.80
CA SER A 220 14.85 -0.33 -2.44
C SER A 220 14.99 0.98 -3.19
N ALA A 221 13.87 1.68 -3.34
CA ALA A 221 13.86 2.97 -4.03
C ALA A 221 12.63 3.77 -3.63
N THR A 222 12.85 5.02 -3.22
CA THR A 222 11.77 5.87 -2.75
C THR A 222 12.06 7.34 -3.10
N ALA A 223 11.01 8.14 -3.14
CA ALA A 223 11.14 9.56 -3.46
C ALA A 223 11.61 10.39 -2.27
N PHE A 224 12.60 11.25 -2.52
CA PHE A 224 13.09 12.19 -1.52
C PHE A 224 13.02 13.61 -2.07
N TYR A 225 12.73 14.57 -1.20
CA TYR A 225 12.76 15.98 -1.59
C TYR A 225 14.19 16.43 -1.83
N LYS A 226 14.43 17.07 -2.97
CA LYS A 226 15.75 17.59 -3.28
C LYS A 226 16.12 18.68 -2.28
N ALA A 227 17.32 18.59 -1.72
CA ALA A 227 17.82 19.62 -0.82
C ALA A 227 18.14 20.88 -1.62
N GLN A 228 17.33 21.91 -1.44
CA GLN A 228 17.48 23.14 -2.22
C GLN A 228 16.85 24.34 -1.50
N PRO A 229 17.27 25.56 -1.89
CA PRO A 229 16.61 26.76 -1.37
C PRO A 229 15.11 26.76 -1.66
N VAL A 230 14.32 27.21 -0.69
CA VAL A 230 12.87 27.24 -0.82
C VAL A 230 12.45 28.07 -2.04
N ILE A 231 13.23 29.10 -2.35
CA ILE A 231 12.99 29.92 -3.53
C ILE A 231 12.95 29.05 -4.79
N GLU A 232 13.89 28.11 -4.89
CA GLU A 232 13.93 27.22 -6.04
C GLU A 232 12.87 26.14 -5.93
N PHE A 233 12.53 25.77 -4.70
CA PHE A 233 11.41 24.86 -4.46
C PHE A 233 10.12 25.50 -4.96
N VAL A 234 9.92 26.77 -4.63
CA VAL A 234 8.78 27.54 -5.11
C VAL A 234 8.69 27.51 -6.63
N CYS A 235 9.84 27.65 -7.29
CA CYS A 235 9.88 27.65 -8.75
C CYS A 235 9.43 26.31 -9.33
N GLU A 236 10.09 25.23 -8.91
CA GLU A 236 9.80 23.91 -9.44
C GLU A 236 8.37 23.47 -9.13
N VAL A 237 7.79 24.02 -8.07
CA VAL A 237 6.43 23.69 -7.69
C VAL A 237 5.43 24.47 -8.54
N LEU A 238 5.73 25.74 -8.78
CA LEU A 238 4.85 26.62 -9.55
C LEU A 238 5.34 26.82 -10.97
N ASP A 239 6.28 25.98 -11.40
CA ASP A 239 6.82 26.02 -12.75
C ASP A 239 7.31 27.40 -13.16
N PHE A 240 8.38 27.85 -12.52
CA PHE A 240 9.11 29.06 -12.91
C PHE A 240 10.53 28.67 -13.32
N LYS A 241 10.98 29.20 -14.45
CA LYS A 241 12.37 29.00 -14.86
C LYS A 241 13.26 29.95 -14.07
N SER A 242 12.65 30.99 -13.52
CA SER A 242 13.35 31.93 -12.66
C SER A 242 12.35 32.62 -11.74
N ILE A 243 12.73 32.82 -10.48
CA ILE A 243 11.83 33.45 -9.51
C ILE A 243 11.56 34.90 -9.91
N GLU A 244 12.44 35.45 -10.72
CA GLU A 244 12.32 36.84 -11.18
C GLU A 244 11.07 37.03 -12.04
N GLU A 245 10.55 35.93 -12.59
CA GLU A 245 9.34 35.98 -13.41
C GLU A 245 8.16 36.50 -12.59
N GLN A 246 8.15 36.17 -11.30
CA GLN A 246 7.11 36.61 -10.38
C GLN A 246 7.60 37.81 -9.56
N GLN A 247 7.51 39.00 -10.16
CA GLN A 247 7.95 40.22 -9.50
C GLN A 247 6.90 40.71 -8.49
N LYS A 248 5.74 40.04 -8.49
CA LYS A 248 4.57 40.51 -7.75
C LYS A 248 4.12 39.46 -6.74
N PRO A 249 3.32 39.86 -5.75
CA PRO A 249 2.84 38.88 -4.77
C PRO A 249 2.04 37.75 -5.40
N LEU A 250 2.08 36.58 -4.77
CA LEU A 250 1.41 35.40 -5.29
C LEU A 250 -0.10 35.54 -5.30
N THR A 251 -0.73 35.03 -6.36
CA THR A 251 -2.19 34.96 -6.41
C THR A 251 -2.67 33.99 -5.34
N ASP A 252 -3.92 34.15 -4.92
CA ASP A 252 -4.50 33.26 -3.92
C ASP A 252 -4.43 31.79 -4.37
N SER A 253 -4.34 31.57 -5.67
CA SER A 253 -4.23 30.23 -6.22
C SER A 253 -2.84 29.65 -6.02
N GLN A 254 -1.82 30.46 -6.27
CA GLN A 254 -0.44 30.00 -6.21
C GLN A 254 -0.04 29.65 -4.78
N ARG A 255 -0.39 30.55 -3.85
CA ARG A 255 -0.03 30.39 -2.46
C ARG A 255 -0.60 29.11 -1.86
N VAL A 256 -1.84 28.78 -2.23
CA VAL A 256 -2.48 27.56 -1.77
C VAL A 256 -1.74 26.33 -2.28
N LYS A 257 -1.39 26.34 -3.55
CA LYS A 257 -0.66 25.23 -4.14
C LYS A 257 0.70 25.07 -3.46
N PHE A 258 1.39 26.19 -3.24
CA PHE A 258 2.69 26.16 -2.59
C PHE A 258 2.58 25.69 -1.14
N THR A 259 1.53 26.14 -0.45
CA THR A 259 1.33 25.75 0.94
C THR A 259 1.17 24.24 1.05
N LYS A 260 0.45 23.65 0.11
CA LYS A 260 0.18 22.21 0.13
C LYS A 260 1.47 21.39 0.07
N GLU A 261 2.44 21.86 -0.71
CA GLU A 261 3.66 21.10 -0.95
C GLU A 261 4.64 21.19 0.23
N ILE A 262 4.81 22.39 0.76
CA ILE A 262 5.89 22.63 1.73
C ILE A 262 5.45 22.40 3.18
N LYS A 263 4.15 22.24 3.39
CA LYS A 263 3.61 22.04 4.75
C LYS A 263 4.09 20.72 5.34
N GLY A 264 4.56 20.79 6.58
CA GLY A 264 5.03 19.61 7.28
C GLY A 264 6.47 19.25 6.99
N LEU A 265 7.07 19.95 6.03
CA LEU A 265 8.45 19.69 5.65
C LEU A 265 9.42 20.48 6.53
N LYS A 266 10.63 19.98 6.66
CA LYS A 266 11.66 20.65 7.44
C LYS A 266 12.41 21.67 6.59
N VAL A 267 12.91 22.72 7.26
CA VAL A 267 13.72 23.73 6.60
C VAL A 267 14.89 24.12 7.49
N GLU A 268 15.88 24.80 6.90
CA GLU A 268 17.08 25.20 7.63
C GLU A 268 17.53 26.61 7.23
N ILE A 269 18.21 27.27 8.16
CA ILE A 269 18.58 28.67 7.99
C ILE A 269 19.96 28.81 7.37
N THR A 270 20.07 29.72 6.39
CA THR A 270 21.33 30.01 5.73
C THR A 270 21.94 31.29 6.30
N ARG A 277 20.25 26.07 11.76
CA ARG A 277 19.17 25.72 12.69
C ARG A 277 17.97 25.17 11.92
N LYS A 278 17.42 24.08 12.43
CA LYS A 278 16.37 23.33 11.72
C LYS A 278 14.98 23.60 12.28
N TYR A 279 14.05 23.93 11.40
CA TYR A 279 12.66 24.17 11.76
C TYR A 279 11.73 23.25 10.98
N ARG A 280 10.44 23.34 11.27
CA ARG A 280 9.43 22.53 10.60
C ARG A 280 8.22 23.38 10.20
N VAL A 281 7.97 23.46 8.91
CA VAL A 281 6.91 24.30 8.36
C VAL A 281 5.53 23.79 8.75
N CYS A 282 4.71 24.69 9.29
CA CYS A 282 3.34 24.35 9.69
C CYS A 282 2.31 25.12 8.87
N ASN A 283 2.74 26.17 8.18
CA ASN A 283 1.86 26.93 7.29
C ASN A 283 2.62 27.98 6.49
N VAL A 284 1.96 28.55 5.49
CA VAL A 284 2.50 29.65 4.70
C VAL A 284 1.62 30.89 4.87
N THR A 285 2.24 32.02 5.20
CA THR A 285 1.52 33.24 5.52
C THR A 285 0.78 33.78 4.30
N ARG A 286 -0.37 34.40 4.55
CA ARG A 286 -1.16 35.01 3.49
C ARG A 286 -0.48 36.29 3.00
N ARG A 287 0.18 36.98 3.92
CA ARG A 287 0.77 38.28 3.64
C ARG A 287 2.26 38.15 3.27
N PRO A 288 2.77 39.11 2.49
CA PRO A 288 4.20 39.13 2.16
C PRO A 288 5.07 39.52 3.36
N ALA A 289 6.37 39.23 3.28
CA ALA A 289 7.29 39.51 4.38
C ALA A 289 7.36 41.00 4.70
N SER A 290 7.05 41.84 3.72
CA SER A 290 7.11 43.28 3.89
C SER A 290 5.97 43.80 4.76
N HIS A 291 4.91 43.00 4.89
CA HIS A 291 3.72 43.41 5.65
C HIS A 291 3.34 42.42 6.75
N GLN A 292 3.91 41.21 6.72
CA GLN A 292 3.66 40.24 7.78
C GLN A 292 4.33 40.69 9.07
N THR A 293 3.54 40.81 10.14
CA THR A 293 4.06 41.33 11.41
C THR A 293 4.01 40.31 12.53
N PHE A 294 4.72 40.62 13.61
CA PHE A 294 4.68 39.84 14.84
C PHE A 294 4.95 40.79 16.01
N PRO A 295 4.47 40.44 17.21
CA PRO A 295 4.76 41.30 18.37
C PRO A 295 6.20 41.17 18.86
N LEU A 296 6.91 42.30 18.87
CA LEU A 296 8.30 42.36 19.32
C LEU A 296 8.39 43.19 20.58
N GLN A 297 8.94 42.61 21.65
CA GLN A 297 9.09 43.34 22.90
C GLN A 297 10.36 44.18 22.89
N GLN A 298 10.18 45.50 22.94
CA GLN A 298 11.30 46.42 23.01
C GLN A 298 11.90 46.39 24.42
N GLU A 299 13.13 46.88 24.55
CA GLU A 299 13.86 46.78 25.81
C GLU A 299 13.20 47.56 26.94
N SER A 300 12.30 48.48 26.59
CA SER A 300 11.55 49.22 27.60
C SER A 300 10.60 48.28 28.34
N GLY A 301 10.03 47.35 27.59
CA GLY A 301 9.07 46.39 28.12
C GLY A 301 7.82 46.33 27.27
N GLN A 302 7.51 47.43 26.59
CA GLN A 302 6.34 47.50 25.73
C GLN A 302 6.55 46.72 24.45
N THR A 303 5.52 46.01 24.01
CA THR A 303 5.57 45.21 22.80
C THR A 303 4.93 45.97 21.64
N VAL A 304 5.57 45.92 20.48
CA VAL A 304 5.08 46.58 19.28
C VAL A 304 5.12 45.62 18.09
N GLU A 305 4.18 45.78 17.16
CA GLU A 305 4.15 44.96 15.96
C GLU A 305 5.28 45.37 15.01
N CYS A 306 6.03 44.37 14.54
CA CYS A 306 7.17 44.60 13.66
C CYS A 306 7.09 43.66 12.47
N THR A 307 7.37 44.18 11.27
CA THR A 307 7.31 43.36 10.07
C THR A 307 8.51 42.43 10.02
N VAL A 308 8.34 41.28 9.38
CA VAL A 308 9.43 40.33 9.23
C VAL A 308 10.57 40.96 8.43
N ALA A 309 10.23 41.71 7.40
CA ALA A 309 11.22 42.36 6.55
C ALA A 309 12.03 43.39 7.34
N GLN A 310 11.33 44.19 8.16
CA GLN A 310 11.98 45.21 8.96
C GLN A 310 12.85 44.59 10.03
N TYR A 311 12.38 43.49 10.61
CA TYR A 311 13.12 42.78 11.64
C TYR A 311 14.42 42.22 11.09
N PHE A 312 14.35 41.59 9.92
CA PHE A 312 15.53 40.98 9.32
C PHE A 312 16.53 42.04 8.87
N LYS A 313 16.05 43.25 8.63
CA LYS A 313 16.91 44.37 8.28
C LYS A 313 17.64 44.89 9.52
N ASP A 314 16.89 45.07 10.60
CA ASP A 314 17.43 45.61 11.85
C ASP A 314 18.31 44.61 12.57
N ARG A 315 17.86 43.35 12.64
CA ARG A 315 18.51 42.34 13.46
C ARG A 315 19.66 41.63 12.76
N HIS A 316 19.45 41.26 11.50
CA HIS A 316 20.42 40.46 10.76
C HIS A 316 21.10 41.22 9.62
N LYS A 317 20.86 42.52 9.55
CA LYS A 317 21.45 43.37 8.51
C LYS A 317 21.19 42.78 7.11
N LEU A 318 19.97 42.26 6.91
CA LEU A 318 19.58 41.67 5.63
C LEU A 318 18.38 42.39 5.03
N VAL A 319 18.59 42.97 3.85
CA VAL A 319 17.50 43.51 3.06
C VAL A 319 16.93 42.39 2.22
N LEU A 320 15.70 41.97 2.52
CA LEU A 320 15.09 40.84 1.84
C LEU A 320 15.01 41.10 0.34
N ARG A 321 15.54 40.16 -0.43
CA ARG A 321 15.56 40.29 -1.88
C ARG A 321 14.17 40.14 -2.48
N TYR A 322 13.33 39.33 -1.84
CA TYR A 322 11.97 39.09 -2.29
C TYR A 322 10.97 39.36 -1.16
N PRO A 323 10.80 40.63 -0.79
CA PRO A 323 9.89 40.99 0.30
C PRO A 323 8.42 40.86 -0.10
N HIS A 324 8.18 40.63 -1.39
CA HIS A 324 6.81 40.48 -1.90
C HIS A 324 6.31 39.04 -1.77
N LEU A 325 7.22 38.13 -1.45
CA LEU A 325 6.85 36.73 -1.25
C LEU A 325 6.46 36.51 0.20
N PRO A 326 5.62 35.49 0.46
CA PRO A 326 5.17 35.25 1.84
C PRO A 326 6.25 34.58 2.69
N CYS A 327 5.92 34.30 3.95
CA CYS A 327 6.86 33.67 4.86
C CYS A 327 6.42 32.26 5.20
N LEU A 328 7.36 31.46 5.69
CA LEU A 328 7.04 30.15 6.23
C LEU A 328 6.78 30.27 7.71
N GLN A 329 5.58 29.89 8.14
CA GLN A 329 5.26 29.84 9.56
C GLN A 329 5.75 28.51 10.11
N VAL A 330 6.75 28.58 10.98
CA VAL A 330 7.31 27.40 11.63
C VAL A 330 7.04 27.47 13.12
N GLY A 331 7.16 26.33 13.81
CA GLY A 331 6.96 26.27 15.24
C GLY A 331 5.58 25.78 15.63
N GLN A 332 5.03 26.39 16.67
CA GLN A 332 3.77 25.92 17.28
C GLN A 332 2.60 26.83 16.92
N GLU A 333 2.67 27.51 15.78
CA GLU A 333 1.64 28.46 15.38
C GLU A 333 1.61 29.65 16.34
N GLN A 334 1.35 29.36 17.61
CA GLN A 334 1.35 30.35 18.67
C GLN A 334 2.72 31.04 18.82
N LYS A 335 3.74 30.46 18.20
CA LYS A 335 5.10 30.98 18.29
C LYS A 335 5.26 32.31 17.54
N HIS A 336 4.45 32.51 16.51
CA HIS A 336 4.59 33.68 15.64
C HIS A 336 5.98 33.73 15.03
N THR A 337 6.52 32.55 14.71
CA THR A 337 7.84 32.46 14.07
C THR A 337 7.69 32.37 12.56
N TYR A 338 8.02 33.47 11.88
CA TYR A 338 7.95 33.53 10.42
C TYR A 338 9.35 33.64 9.82
N LEU A 339 9.59 32.86 8.77
CA LEU A 339 10.88 32.86 8.07
C LEU A 339 10.69 33.24 6.61
N PRO A 340 11.42 34.27 6.14
CA PRO A 340 11.39 34.57 4.70
C PRO A 340 11.83 33.37 3.87
N LEU A 341 11.31 33.23 2.65
CA LEU A 341 11.61 32.07 1.82
C LEU A 341 13.09 32.03 1.44
N GLU A 342 13.68 33.21 1.24
CA GLU A 342 15.02 33.30 0.68
C GLU A 342 16.15 32.94 1.65
N VAL A 343 15.80 32.77 2.93
CA VAL A 343 16.78 32.36 3.93
C VAL A 343 16.59 30.90 4.34
N CYS A 344 15.73 30.19 3.62
CA CYS A 344 15.38 28.81 3.96
C CYS A 344 15.78 27.81 2.86
N ASN A 345 16.25 26.65 3.29
CA ASN A 345 16.53 25.52 2.40
C ASN A 345 15.75 24.29 2.85
N ILE A 346 15.26 23.51 1.89
CA ILE A 346 14.67 22.21 2.21
C ILE A 346 15.78 21.31 2.75
N VAL A 347 15.59 20.77 3.94
CA VAL A 347 16.61 19.93 4.57
C VAL A 347 16.78 18.64 3.79
N ALA A 348 18.03 18.20 3.66
CA ALA A 348 18.35 16.97 2.92
C ALA A 348 17.90 15.74 3.70
N GLY A 349 17.55 14.69 2.97
CA GLY A 349 17.21 13.42 3.58
C GLY A 349 15.73 13.25 3.91
N GLN A 350 14.92 14.22 3.50
CA GLN A 350 13.49 14.15 3.76
C GLN A 350 12.78 13.25 2.77
N ARG A 351 12.18 12.18 3.26
CA ARG A 351 11.44 11.27 2.40
C ARG A 351 10.06 11.82 2.07
N CYS A 352 9.66 11.65 0.81
CA CYS A 352 8.32 12.03 0.38
C CYS A 352 7.26 11.15 1.02
N ILE A 353 6.19 11.77 1.52
CA ILE A 353 5.06 11.05 2.08
C ILE A 353 3.78 11.42 1.35
N LYS A 355 1.13 12.53 -1.65
CA LYS A 355 0.83 11.83 -2.89
C LYS A 355 1.62 12.39 -4.08
N LEU A 356 2.20 11.49 -4.86
CA LEU A 356 2.95 11.86 -6.05
C LEU A 356 2.00 12.17 -7.20
N THR A 357 2.41 13.07 -8.09
CA THR A 357 1.65 13.34 -9.30
C THR A 357 1.80 12.14 -10.23
N ASP A 358 0.91 12.03 -11.21
CA ASP A 358 0.89 10.85 -12.06
C ASP A 358 2.12 10.80 -12.98
N ASN A 359 2.72 11.95 -13.23
CA ASN A 359 3.94 12.02 -14.04
C ASN A 359 5.16 11.61 -13.21
N GLN A 360 5.12 11.93 -11.93
CA GLN A 360 6.22 11.60 -11.02
C GLN A 360 6.32 10.08 -10.82
N THR A 361 5.19 9.44 -10.56
CA THR A 361 5.17 8.00 -10.35
C THR A 361 5.59 7.25 -11.61
N SER A 362 5.09 7.70 -12.76
CA SER A 362 5.42 7.08 -14.03
C SER A 362 6.92 7.10 -14.26
N THR A 363 7.55 8.22 -13.95
CA THR A 363 8.99 8.35 -14.03
C THR A 363 9.65 7.44 -12.99
N MET A 364 9.04 7.36 -11.82
CA MET A 364 9.57 6.55 -10.72
C MET A 364 9.46 5.06 -11.04
N ILE A 365 8.31 4.66 -11.60
CA ILE A 365 8.12 3.29 -12.07
C ILE A 365 9.17 2.93 -13.11
N ARG A 366 9.39 3.87 -14.04
CA ARG A 366 10.29 3.65 -15.15
C ARG A 366 11.72 3.35 -14.70
N ALA A 367 12.20 4.12 -13.73
CA ALA A 367 13.59 4.02 -13.30
C ALA A 367 13.82 2.90 -12.29
N THR A 368 12.75 2.45 -11.64
CA THR A 368 12.85 1.46 -10.56
C THR A 368 12.57 0.04 -11.01
N ALA A 369 11.84 -0.10 -12.13
CA ALA A 369 11.47 -1.42 -12.63
C ALA A 369 12.62 -2.06 -13.39
N ARG A 370 12.88 -3.34 -13.11
CA ARG A 370 13.90 -4.09 -13.81
C ARG A 370 13.65 -5.59 -13.67
N SER A 371 14.08 -6.36 -14.66
CA SER A 371 13.80 -7.79 -14.73
C SER A 371 14.26 -8.54 -13.49
N ALA A 372 13.68 -9.71 -13.28
CA ALA A 372 14.00 -10.52 -12.10
C ALA A 372 15.47 -10.93 -12.07
N PRO A 373 16.02 -11.41 -13.21
CA PRO A 373 17.45 -11.73 -13.22
C PRO A 373 18.30 -10.53 -12.82
N ASP A 374 17.97 -9.35 -13.35
CA ASP A 374 18.71 -8.14 -13.02
C ASP A 374 18.56 -7.76 -11.54
N ARG A 375 17.36 -7.90 -10.99
CA ARG A 375 17.16 -7.60 -9.58
C ARG A 375 17.94 -8.57 -8.71
N GLN A 376 17.91 -9.85 -9.08
CA GLN A 376 18.65 -10.89 -8.36
C GLN A 376 20.13 -10.54 -8.30
N GLU A 377 20.68 -10.08 -9.43
CA GLU A 377 22.08 -9.69 -9.49
C GLU A 377 22.37 -8.49 -8.61
N GLU A 378 21.43 -7.55 -8.58
CA GLU A 378 21.57 -6.36 -7.75
C GLU A 378 21.64 -6.72 -6.27
N ILE A 379 20.80 -7.66 -5.85
CA ILE A 379 20.80 -8.11 -4.47
C ILE A 379 22.15 -8.79 -4.15
N SER A 380 22.69 -9.53 -5.11
CA SER A 380 24.00 -10.17 -4.94
C SER A 380 25.10 -9.13 -4.72
N LYS A 381 25.09 -8.07 -5.53
CA LYS A 381 26.05 -6.98 -5.37
C LYS A 381 25.87 -6.33 -4.01
N LEU A 382 24.62 -6.22 -3.60
CA LEU A 382 24.26 -5.63 -2.31
C LEU A 382 24.90 -6.42 -1.18
N MET A 383 24.79 -7.74 -1.26
CA MET A 383 25.39 -8.63 -0.28
C MET A 383 26.90 -8.53 -0.28
N ARG A 384 27.48 -8.35 -1.47
CA ARG A 384 28.93 -8.30 -1.60
C ARG A 384 29.48 -7.05 -0.90
N SER A 385 28.91 -5.89 -1.21
CA SER A 385 29.36 -4.63 -0.63
C SER A 385 29.03 -4.55 0.86
N ALA A 386 27.96 -5.23 1.27
CA ALA A 386 27.58 -5.28 2.67
C ALA A 386 28.67 -5.98 3.49
N ASP A 387 29.15 -7.10 2.96
CA ASP A 387 30.26 -7.85 3.55
C ASP A 387 30.05 -8.09 5.06
N PHE A 388 28.95 -8.76 5.38
CA PHE A 388 28.57 -8.97 6.78
C PHE A 388 29.61 -9.75 7.57
N ASN A 389 30.23 -10.74 6.92
CA ASN A 389 31.18 -11.61 7.61
C ASN A 389 32.49 -10.90 7.96
N THR A 390 32.56 -9.59 7.71
CA THR A 390 33.68 -8.77 8.15
C THR A 390 33.20 -7.59 9.01
N ASP A 391 31.87 -7.40 9.08
CA ASP A 391 31.28 -6.37 9.92
C ASP A 391 31.71 -6.59 11.38
N PRO A 392 32.48 -5.65 11.95
CA PRO A 392 33.03 -5.85 13.29
C PRO A 392 31.97 -6.18 14.35
N TYR A 393 30.79 -5.61 14.21
CA TYR A 393 29.75 -5.76 15.22
C TYR A 393 29.06 -7.12 15.15
N VAL A 394 28.86 -7.65 13.94
CA VAL A 394 28.23 -8.97 13.83
C VAL A 394 29.27 -10.06 14.12
N ARG A 395 30.55 -9.74 13.95
CA ARG A 395 31.60 -10.65 14.35
C ARG A 395 31.73 -10.68 15.86
N GLU A 396 31.52 -9.52 16.49
CA GLU A 396 31.53 -9.41 17.94
C GLU A 396 30.51 -10.37 18.55
N PHE A 397 29.32 -10.41 17.94
CA PHE A 397 28.25 -11.28 18.41
C PHE A 397 28.34 -12.67 17.78
N GLY A 398 29.44 -12.94 17.08
CA GLY A 398 29.71 -14.26 16.54
C GLY A 398 28.74 -14.72 15.47
N ILE A 399 28.16 -13.77 14.75
CA ILE A 399 27.18 -14.08 13.71
C ILE A 399 27.86 -14.27 12.35
N MET A 400 27.34 -15.22 11.59
CA MET A 400 27.78 -15.46 10.22
C MET A 400 26.57 -15.47 9.29
N VAL A 401 26.76 -14.95 8.08
CA VAL A 401 25.70 -14.92 7.07
C VAL A 401 26.17 -15.58 5.78
N LYS A 402 25.34 -16.47 5.24
CA LYS A 402 25.66 -17.16 3.99
C LYS A 402 25.58 -16.18 2.83
N ASP A 403 26.49 -16.33 1.87
CA ASP A 403 26.59 -15.39 0.75
C ASP A 403 25.61 -15.72 -0.38
N GLU A 404 25.14 -16.96 -0.42
CA GLU A 404 24.21 -17.39 -1.45
C GLU A 404 22.76 -17.32 -0.98
N MET A 405 21.87 -17.03 -1.92
CA MET A 405 20.44 -17.04 -1.65
C MET A 405 19.99 -18.44 -1.26
N THR A 406 19.01 -18.51 -0.35
CA THR A 406 18.48 -19.80 0.08
C THR A 406 17.81 -20.49 -1.10
N ASP A 407 18.09 -21.78 -1.24
CA ASP A 407 17.44 -22.63 -2.24
C ASP A 407 16.10 -23.14 -1.71
N VAL A 408 15.04 -22.88 -2.47
CA VAL A 408 13.70 -23.32 -2.08
C VAL A 408 13.03 -24.03 -3.25
N THR A 409 12.38 -25.15 -2.95
CA THR A 409 11.58 -25.86 -3.92
C THR A 409 10.16 -25.30 -3.90
N GLY A 410 9.75 -24.69 -5.01
CA GLY A 410 8.40 -24.18 -5.16
C GLY A 410 7.53 -25.21 -5.85
N ARG A 411 6.24 -24.92 -5.91
CA ARG A 411 5.28 -25.78 -6.59
C ARG A 411 4.36 -24.95 -7.48
N VAL A 412 4.33 -25.26 -8.77
CA VAL A 412 3.49 -24.54 -9.72
C VAL A 412 2.12 -25.19 -9.77
N LEU A 413 1.16 -24.58 -9.07
CA LEU A 413 -0.19 -25.13 -9.01
C LEU A 413 -0.86 -25.06 -10.38
N GLN A 414 -1.73 -26.04 -10.65
CA GLN A 414 -2.48 -26.06 -11.89
C GLN A 414 -3.56 -24.98 -11.86
N PRO A 415 -3.68 -24.19 -12.94
CA PRO A 415 -4.74 -23.18 -12.99
C PRO A 415 -6.12 -23.81 -13.14
N PRO A 416 -7.19 -23.14 -12.68
CA PRO A 416 -8.53 -23.67 -12.93
C PRO A 416 -8.96 -23.43 -14.37
N SER A 417 -9.91 -24.23 -14.84
CA SER A 417 -10.52 -23.98 -16.13
C SER A 417 -11.60 -22.90 -15.96
N ILE A 418 -11.73 -22.05 -16.96
CA ILE A 418 -12.69 -20.94 -16.93
C ILE A 418 -13.86 -21.25 -17.85
N LEU A 419 -15.06 -21.37 -17.29
CA LEU A 419 -16.25 -21.72 -18.07
C LEU A 419 -16.97 -20.48 -18.57
N TYR A 420 -17.13 -20.41 -19.89
CA TYR A 420 -17.90 -19.34 -20.53
C TYR A 420 -19.24 -19.90 -21.01
N GLY A 421 -20.11 -19.01 -21.50
CA GLY A 421 -21.46 -19.39 -21.88
C GLY A 421 -21.72 -19.24 -23.37
N GLY A 422 -22.83 -18.61 -23.70
CA GLY A 422 -23.23 -18.43 -25.08
C GLY A 422 -23.66 -19.74 -25.71
N ARG A 423 -23.47 -19.84 -27.03
CA ARG A 423 -23.92 -20.99 -27.78
C ARG A 423 -23.05 -22.23 -27.56
N ASN A 424 -21.74 -22.02 -27.48
CA ASN A 424 -20.79 -23.13 -27.48
C ASN A 424 -20.11 -23.38 -26.14
N LYS A 425 -20.65 -22.75 -25.08
CA LYS A 425 -20.17 -22.93 -23.69
C LYS A 425 -18.66 -23.17 -23.58
N ALA A 426 -17.88 -22.29 -24.22
CA ALA A 426 -16.44 -22.46 -24.33
C ALA A 426 -15.75 -22.55 -22.97
N ILE A 427 -14.74 -23.41 -22.88
CA ILE A 427 -13.91 -23.53 -21.69
C ILE A 427 -12.51 -22.99 -21.98
N ALA A 428 -12.12 -21.95 -21.25
CA ALA A 428 -10.80 -21.35 -21.41
C ALA A 428 -9.81 -21.99 -20.45
N THR A 429 -8.58 -22.17 -20.92
CA THR A 429 -7.50 -22.71 -20.10
C THR A 429 -6.39 -21.67 -19.96
N PRO A 430 -6.26 -21.06 -18.77
CA PRO A 430 -5.20 -20.07 -18.57
C PRO A 430 -3.81 -20.62 -18.89
N VAL A 431 -3.06 -19.87 -19.69
CA VAL A 431 -1.68 -20.19 -20.01
C VAL A 431 -0.81 -19.03 -19.53
N GLN A 432 0.16 -19.34 -18.69
CA GLN A 432 1.04 -18.33 -18.11
C GLN A 432 0.23 -17.23 -17.44
N GLY A 433 -0.84 -17.61 -16.75
CA GLY A 433 -1.66 -16.67 -16.01
C GLY A 433 -2.59 -15.82 -16.85
N VAL A 434 -2.81 -16.22 -18.10
CA VAL A 434 -3.57 -15.43 -19.05
C VAL A 434 -4.48 -16.30 -19.92
N TRP A 435 -5.65 -15.77 -20.27
CA TRP A 435 -6.49 -16.37 -21.29
C TRP A 435 -7.19 -15.25 -22.05
N ASP A 436 -8.04 -15.61 -23.02
CA ASP A 436 -8.77 -14.61 -23.80
C ASP A 436 -10.17 -15.09 -24.14
N MET A 437 -10.96 -14.19 -24.73
CA MET A 437 -12.36 -14.46 -25.02
C MET A 437 -12.62 -14.77 -26.49
N ARG A 438 -11.57 -15.04 -27.25
CA ARG A 438 -11.73 -15.35 -28.67
C ARG A 438 -12.55 -16.64 -28.83
N ASN A 439 -13.63 -16.54 -29.61
CA ASN A 439 -14.59 -17.64 -29.78
C ASN A 439 -15.20 -18.05 -28.44
N LYS A 440 -15.47 -17.07 -27.59
CA LYS A 440 -16.13 -17.31 -26.31
C LYS A 440 -17.11 -16.19 -26.02
N GLN A 441 -18.15 -16.52 -25.25
CA GLN A 441 -19.20 -15.56 -24.89
C GLN A 441 -19.48 -15.61 -23.38
N PHE A 442 -19.92 -14.48 -22.84
CA PHE A 442 -20.17 -14.37 -21.40
C PHE A 442 -21.11 -15.47 -20.89
N HIS A 443 -20.86 -15.91 -19.66
CA HIS A 443 -21.67 -16.96 -19.02
C HIS A 443 -23.14 -16.56 -19.03
N THR A 444 -23.43 -15.42 -18.42
CA THR A 444 -24.73 -14.77 -18.57
C THR A 444 -24.49 -13.33 -19.06
N GLY A 445 -24.66 -13.13 -20.35
CA GLY A 445 -24.48 -11.82 -20.94
C GLY A 445 -25.77 -11.01 -20.92
N ILE A 446 -25.64 -9.72 -20.64
CA ILE A 446 -26.78 -8.84 -20.53
C ILE A 446 -27.14 -8.22 -21.89
N GLU A 447 -28.34 -8.54 -22.38
CA GLU A 447 -28.85 -7.92 -23.60
C GLU A 447 -29.11 -6.44 -23.33
N ILE A 448 -28.35 -5.57 -24.00
CA ILE A 448 -28.50 -4.13 -23.84
C ILE A 448 -29.36 -3.57 -24.96
N LYS A 449 -30.57 -3.15 -24.60
CA LYS A 449 -31.54 -2.62 -25.57
C LYS A 449 -31.72 -1.12 -25.41
N VAL A 450 -31.63 -0.63 -24.18
CA VAL A 450 -31.78 0.79 -23.88
C VAL A 450 -30.52 1.33 -23.21
N TRP A 451 -29.82 2.21 -23.92
CA TRP A 451 -28.59 2.79 -23.40
C TRP A 451 -28.34 4.16 -24.04
N ALA A 452 -27.73 5.05 -23.28
CA ALA A 452 -27.50 6.43 -23.70
C ALA A 452 -26.02 6.78 -23.69
N ILE A 453 -25.67 7.88 -24.36
CA ILE A 453 -24.31 8.38 -24.39
C ILE A 453 -24.24 9.84 -23.97
N ALA A 454 -23.31 10.14 -23.06
CA ALA A 454 -23.03 11.50 -22.64
C ALA A 454 -21.57 11.81 -22.94
N CYS A 455 -21.31 12.93 -23.61
CA CYS A 455 -19.94 13.30 -23.96
C CYS A 455 -19.57 14.64 -23.33
N PHE A 456 -18.57 14.61 -22.45
CA PHE A 456 -18.11 15.80 -21.77
C PHE A 456 -16.79 16.32 -22.35
N ALA A 457 -16.57 15.99 -23.62
CA ALA A 457 -15.44 16.52 -24.39
C ALA A 457 -15.97 17.39 -25.52
N PRO A 458 -15.15 18.35 -25.99
CA PRO A 458 -15.56 19.25 -27.08
C PRO A 458 -16.08 18.50 -28.30
N GLN A 459 -17.09 19.05 -28.95
CA GLN A 459 -17.72 18.40 -30.10
C GLN A 459 -16.77 18.34 -31.29
N ARG A 460 -15.74 19.19 -31.29
CA ARG A 460 -14.74 19.17 -32.34
C ARG A 460 -13.70 18.10 -32.09
N GLN A 461 -13.41 17.84 -30.82
CA GLN A 461 -12.42 16.83 -30.46
C GLN A 461 -12.97 15.42 -30.64
N CYS A 462 -14.19 15.20 -30.17
CA CYS A 462 -14.86 13.91 -30.30
C CYS A 462 -16.14 14.07 -31.12
N THR A 463 -15.97 14.30 -32.42
CA THR A 463 -17.08 14.57 -33.32
C THR A 463 -18.10 13.43 -33.40
N GLU A 464 -19.17 13.66 -34.15
CA GLU A 464 -20.24 12.68 -34.29
C GLU A 464 -19.75 11.41 -34.99
N VAL A 465 -18.79 11.56 -35.91
CA VAL A 465 -18.28 10.43 -36.65
C VAL A 465 -17.41 9.54 -35.74
N HIS A 466 -16.85 10.13 -34.70
CA HIS A 466 -16.12 9.36 -33.70
C HIS A 466 -17.09 8.48 -32.92
N LEU A 467 -18.18 9.09 -32.48
CA LEU A 467 -19.22 8.39 -31.72
C LEU A 467 -19.83 7.26 -32.56
N LYS A 468 -20.08 7.57 -33.83
CA LYS A 468 -20.67 6.59 -34.74
C LYS A 468 -19.72 5.41 -34.95
N SER A 469 -18.45 5.72 -35.21
CA SER A 469 -17.45 4.69 -35.41
C SER A 469 -17.17 3.93 -34.12
N PHE A 470 -17.17 4.66 -33.00
CA PHE A 470 -16.97 4.05 -31.69
C PHE A 470 -18.12 3.13 -31.34
N THR A 471 -19.34 3.60 -31.56
CA THR A 471 -20.53 2.81 -31.28
C THR A 471 -20.55 1.54 -32.13
N GLU A 472 -20.33 1.71 -33.43
CA GLU A 472 -20.35 0.59 -34.36
C GLU A 472 -19.35 -0.49 -33.96
N GLN A 473 -18.15 -0.07 -33.56
CA GLN A 473 -17.12 -1.01 -33.15
C GLN A 473 -17.49 -1.67 -31.82
N LEU A 474 -18.09 -0.90 -30.91
CA LEU A 474 -18.45 -1.43 -29.60
C LEU A 474 -19.55 -2.48 -29.72
N ARG A 475 -20.46 -2.28 -30.67
CA ARG A 475 -21.55 -3.22 -30.89
C ARG A 475 -21.03 -4.56 -31.39
N LYS A 476 -20.10 -4.51 -32.35
CA LYS A 476 -19.54 -5.74 -32.92
C LYS A 476 -18.82 -6.59 -31.87
N ILE A 477 -17.98 -5.95 -31.06
CA ILE A 477 -17.27 -6.66 -30.01
C ILE A 477 -18.23 -7.21 -28.97
N SER A 478 -19.20 -6.39 -28.56
CA SER A 478 -20.18 -6.81 -27.57
C SER A 478 -21.01 -7.97 -28.10
N ARG A 479 -21.24 -7.98 -29.40
CA ARG A 479 -22.00 -9.03 -30.06
C ARG A 479 -21.23 -10.35 -29.96
N ASP A 480 -19.93 -10.29 -30.21
CA ASP A 480 -19.09 -11.48 -30.18
C ASP A 480 -18.86 -11.98 -28.77
N ALA A 481 -18.98 -11.07 -27.79
CA ALA A 481 -18.68 -11.40 -26.40
C ALA A 481 -19.89 -11.98 -25.67
N GLY A 482 -21.03 -12.05 -26.36
CA GLY A 482 -22.24 -12.59 -25.77
C GLY A 482 -23.03 -11.58 -24.96
N MET A 483 -22.62 -10.32 -25.05
CA MET A 483 -23.34 -9.21 -24.42
C MET A 483 -23.89 -8.32 -25.51
N PRO A 484 -24.89 -8.82 -26.26
CA PRO A 484 -25.34 -8.12 -27.47
C PRO A 484 -25.96 -6.76 -27.19
N ILE A 485 -25.27 -5.70 -27.61
CA ILE A 485 -25.83 -4.36 -27.57
C ILE A 485 -26.72 -4.15 -28.80
N GLN A 486 -27.99 -4.52 -28.66
CA GLN A 486 -28.93 -4.45 -29.77
C GLN A 486 -29.34 -3.01 -30.07
N GLY A 487 -29.13 -2.60 -31.31
CA GLY A 487 -29.57 -1.28 -31.75
C GLY A 487 -28.66 -0.14 -31.37
N GLN A 488 -28.93 1.03 -31.93
CA GLN A 488 -28.18 2.25 -31.67
C GLN A 488 -28.57 2.84 -30.32
N PRO A 489 -27.78 3.81 -29.81
CA PRO A 489 -28.17 4.43 -28.54
C PRO A 489 -29.47 5.22 -28.65
N CYS A 490 -30.31 5.12 -27.62
CA CYS A 490 -31.58 5.84 -27.61
C CYS A 490 -31.36 7.34 -27.40
N PHE A 491 -30.17 7.69 -26.92
CA PHE A 491 -29.86 9.08 -26.59
C PHE A 491 -28.37 9.37 -26.75
N CYS A 492 -28.07 10.58 -27.23
CA CYS A 492 -26.70 11.02 -27.37
C CYS A 492 -26.63 12.54 -27.42
N LYS A 493 -25.95 13.13 -26.45
CA LYS A 493 -25.80 14.58 -26.37
C LYS A 493 -24.42 14.99 -25.87
N TYR A 494 -24.13 16.28 -25.99
CA TYR A 494 -22.89 16.86 -25.50
C TYR A 494 -23.13 17.65 -24.23
N ALA A 495 -22.07 17.90 -23.49
CA ALA A 495 -22.14 18.68 -22.26
C ALA A 495 -20.74 19.06 -21.82
N GLN A 496 -20.65 19.85 -20.75
CA GLN A 496 -19.37 20.18 -20.14
C GLN A 496 -19.61 20.82 -18.78
N GLY A 497 -18.70 20.53 -17.84
CA GLY A 497 -18.82 21.02 -16.48
C GLY A 497 -19.47 19.99 -15.59
N ALA A 498 -18.95 19.87 -14.37
CA ALA A 498 -19.43 18.88 -13.42
C ALA A 498 -20.86 19.19 -12.97
N ASP A 499 -21.27 20.44 -13.14
CA ASP A 499 -22.62 20.86 -12.74
C ASP A 499 -23.67 20.36 -13.71
N SER A 500 -23.23 19.85 -14.86
CA SER A 500 -24.14 19.37 -15.90
C SER A 500 -24.50 17.90 -15.75
N VAL A 501 -23.70 17.17 -14.97
CA VAL A 501 -23.89 15.73 -14.81
C VAL A 501 -25.27 15.39 -14.27
N GLU A 502 -25.57 15.88 -13.07
CA GLU A 502 -26.82 15.52 -12.38
C GLU A 502 -28.07 15.81 -13.21
N PRO A 503 -28.28 17.08 -13.61
CA PRO A 503 -29.54 17.40 -14.31
C PRO A 503 -29.69 16.66 -15.63
N MET A 504 -28.58 16.37 -16.29
CA MET A 504 -28.59 15.53 -17.48
C MET A 504 -28.98 14.12 -17.07
N PHE A 505 -28.39 13.68 -15.98
CA PHE A 505 -28.67 12.36 -15.41
C PHE A 505 -30.08 12.32 -14.79
N ARG A 506 -30.57 13.47 -14.34
CA ARG A 506 -31.93 13.57 -13.83
C ARG A 506 -32.91 13.24 -14.94
N HIS A 507 -32.66 13.81 -16.11
CA HIS A 507 -33.50 13.60 -17.29
C HIS A 507 -33.58 12.13 -17.68
N LEU A 508 -32.41 11.55 -17.97
CA LEU A 508 -32.32 10.22 -18.55
C LEU A 508 -33.11 9.12 -17.83
N LYS A 509 -33.12 9.15 -16.51
CA LYS A 509 -33.80 8.10 -15.75
C LYS A 509 -35.30 8.13 -15.97
N ASN A 510 -35.88 9.33 -15.96
CA ASN A 510 -37.33 9.50 -16.07
C ASN A 510 -37.84 9.29 -17.49
N THR A 511 -37.10 9.78 -18.47
CA THR A 511 -37.57 9.81 -19.85
C THR A 511 -37.44 8.47 -20.58
N TYR A 512 -36.38 7.72 -20.27
CA TYR A 512 -36.14 6.44 -20.93
C TYR A 512 -36.43 5.26 -20.00
N ALA A 513 -37.53 4.59 -20.28
CA ALA A 513 -37.94 3.42 -19.51
C ALA A 513 -36.98 2.27 -19.72
N GLY A 514 -36.41 1.76 -18.63
CA GLY A 514 -35.49 0.64 -18.70
C GLY A 514 -34.11 1.03 -19.16
N LEU A 515 -33.72 2.28 -18.90
CA LEU A 515 -32.37 2.74 -19.22
C LEU A 515 -31.35 1.95 -18.41
N GLN A 516 -30.47 1.25 -19.12
CA GLN A 516 -29.54 0.32 -18.48
C GLN A 516 -28.18 0.95 -18.18
N LEU A 517 -27.65 1.71 -19.15
CA LEU A 517 -26.30 2.24 -19.05
C LEU A 517 -26.15 3.61 -19.72
N VAL A 518 -25.29 4.44 -19.14
CA VAL A 518 -24.95 5.73 -19.73
C VAL A 518 -23.43 5.85 -19.88
N VAL A 519 -22.97 5.70 -21.13
CA VAL A 519 -21.55 5.81 -21.43
C VAL A 519 -21.13 7.27 -21.36
N VAL A 520 -20.01 7.53 -20.68
CA VAL A 520 -19.52 8.90 -20.51
C VAL A 520 -18.12 9.07 -21.11
N ILE A 521 -17.98 10.07 -21.98
CA ILE A 521 -16.70 10.39 -22.60
C ILE A 521 -16.03 11.53 -21.84
N LEU A 522 -14.78 11.32 -21.42
CA LEU A 522 -14.07 12.32 -20.62
C LEU A 522 -12.77 12.77 -21.30
N PRO A 523 -12.48 14.09 -21.24
CA PRO A 523 -11.24 14.63 -21.80
C PRO A 523 -10.07 14.61 -20.81
N GLY A 524 -9.43 13.44 -20.66
CA GLY A 524 -8.30 13.31 -19.78
C GLY A 524 -8.69 13.48 -18.32
N LYS A 525 -7.70 13.74 -17.46
CA LYS A 525 -7.97 13.97 -16.05
C LYS A 525 -8.75 15.27 -15.86
N THR A 526 -10.06 15.15 -15.84
CA THR A 526 -10.93 16.27 -15.49
C THR A 526 -11.67 15.87 -14.22
N PRO A 527 -11.56 16.68 -13.15
CA PRO A 527 -12.32 16.36 -11.93
C PRO A 527 -13.84 16.41 -12.13
N VAL A 528 -14.34 15.65 -13.11
CA VAL A 528 -15.77 15.52 -13.38
C VAL A 528 -16.14 14.05 -13.24
N TYR A 529 -15.15 13.18 -13.45
CA TYR A 529 -15.31 11.75 -13.23
C TYR A 529 -15.85 11.46 -11.84
N ALA A 530 -15.31 12.16 -10.84
CA ALA A 530 -15.74 11.98 -9.46
C ALA A 530 -17.22 12.32 -9.30
N GLU A 531 -17.69 13.27 -10.10
CA GLU A 531 -19.07 13.71 -10.04
C GLU A 531 -19.99 12.78 -10.82
N VAL A 532 -19.48 12.19 -11.90
CA VAL A 532 -20.23 11.18 -12.64
C VAL A 532 -20.51 9.99 -11.74
N LYS A 533 -19.52 9.66 -10.90
CA LYS A 533 -19.64 8.51 -10.02
C LYS A 533 -20.50 8.83 -8.81
N ARG A 534 -20.37 10.05 -8.27
CA ARG A 534 -21.21 10.48 -7.16
C ARG A 534 -22.68 10.30 -7.54
N VAL A 535 -23.10 10.98 -8.60
CA VAL A 535 -24.48 10.98 -9.04
C VAL A 535 -24.95 9.59 -9.46
N GLY A 536 -24.10 8.89 -10.21
CA GLY A 536 -24.44 7.57 -10.71
C GLY A 536 -24.50 6.49 -9.65
N ASP A 537 -23.66 6.60 -8.62
CA ASP A 537 -23.64 5.62 -7.55
C ASP A 537 -24.61 5.99 -6.43
N THR A 538 -24.73 7.29 -6.15
CA THR A 538 -25.42 7.75 -4.95
C THR A 538 -26.84 8.29 -5.16
N VAL A 539 -26.97 9.35 -5.95
CA VAL A 539 -28.25 10.05 -6.09
C VAL A 539 -29.28 9.25 -6.87
N LEU A 540 -28.86 8.70 -8.00
CA LEU A 540 -29.70 7.79 -8.78
C LEU A 540 -29.02 6.44 -8.91
N GLY A 541 -29.82 5.39 -9.07
CA GLY A 541 -29.32 4.05 -9.25
C GLY A 541 -28.89 3.75 -10.67
N MET A 542 -27.96 4.54 -11.18
CA MET A 542 -27.63 4.50 -12.59
C MET A 542 -26.21 4.04 -12.86
N ALA A 543 -26.12 2.94 -13.60
CA ALA A 543 -24.84 2.43 -14.06
C ALA A 543 -24.22 3.42 -15.06
N THR A 544 -22.93 3.70 -14.87
CA THR A 544 -22.21 4.61 -15.75
C THR A 544 -20.83 4.05 -16.07
N GLN A 545 -20.46 4.11 -17.34
CA GLN A 545 -19.15 3.65 -17.81
C GLN A 545 -18.39 4.79 -18.46
N CYS A 546 -17.36 5.27 -17.77
CA CYS A 546 -16.52 6.33 -18.30
C CYS A 546 -15.43 5.75 -19.20
N VAL A 547 -15.06 6.52 -20.22
CA VAL A 547 -13.99 6.14 -21.14
C VAL A 547 -13.29 7.41 -21.61
N GLN A 548 -11.97 7.36 -21.69
CA GLN A 548 -11.19 8.52 -22.10
C GLN A 548 -11.46 8.87 -23.56
N MET A 549 -11.31 10.16 -23.87
CA MET A 549 -11.58 10.68 -25.21
C MET A 549 -10.67 10.00 -26.23
N LYS A 550 -9.43 9.71 -25.84
CA LYS A 550 -8.45 9.15 -26.76
C LYS A 550 -8.82 7.73 -27.17
N ASN A 551 -9.49 7.00 -26.29
CA ASN A 551 -9.91 5.63 -26.58
C ASN A 551 -11.19 5.56 -27.40
N VAL A 552 -11.74 6.73 -27.73
CA VAL A 552 -12.93 6.81 -28.57
C VAL A 552 -12.53 7.14 -30.01
N GLN A 553 -11.60 8.08 -30.15
CA GLN A 553 -11.10 8.48 -31.45
C GLN A 553 -10.44 7.29 -32.16
N ARG A 554 -9.64 6.54 -31.40
CA ARG A 554 -8.89 5.42 -31.94
C ARG A 554 -9.18 4.17 -31.10
N THR A 555 -10.04 3.30 -31.64
CA THR A 555 -10.49 2.12 -30.91
C THR A 555 -9.71 0.87 -31.32
N THR A 556 -9.45 0.00 -30.35
CA THR A 556 -8.83 -1.30 -30.60
C THR A 556 -9.75 -2.40 -30.06
N PRO A 557 -9.79 -3.56 -30.74
CA PRO A 557 -10.65 -4.66 -30.27
C PRO A 557 -10.38 -5.07 -28.82
N GLN A 558 -9.11 -5.04 -28.41
CA GLN A 558 -8.75 -5.46 -27.06
C GLN A 558 -9.27 -4.49 -26.00
N THR A 559 -9.14 -3.20 -26.28
CA THR A 559 -9.63 -2.16 -25.36
C THR A 559 -11.14 -2.26 -25.25
N LEU A 560 -11.81 -2.43 -26.39
CA LEU A 560 -13.26 -2.57 -26.42
C LEU A 560 -13.70 -3.83 -25.68
N SER A 561 -12.95 -4.91 -25.86
CA SER A 561 -13.24 -6.16 -25.17
C SER A 561 -13.21 -5.97 -23.66
N ASN A 562 -12.13 -5.36 -23.17
CA ASN A 562 -11.97 -5.11 -21.75
C ASN A 562 -13.05 -4.16 -21.24
N LEU A 563 -13.51 -3.27 -22.11
CA LEU A 563 -14.58 -2.36 -21.75
C LEU A 563 -15.90 -3.12 -21.58
N CYS A 564 -16.09 -4.15 -22.40
CA CYS A 564 -17.28 -4.98 -22.30
C CYS A 564 -17.30 -5.80 -21.01
N LEU A 565 -16.12 -6.17 -20.52
CA LEU A 565 -16.03 -6.93 -19.27
C LEU A 565 -16.64 -6.14 -18.12
N LYS A 566 -16.34 -4.85 -18.08
CA LYS A 566 -16.82 -3.98 -17.01
C LYS A 566 -18.31 -3.70 -17.14
N ILE A 567 -18.76 -3.47 -18.37
CA ILE A 567 -20.15 -3.18 -18.63
C ILE A 567 -21.05 -4.34 -18.20
N ASN A 568 -20.70 -5.55 -18.62
CA ASN A 568 -21.53 -6.72 -18.36
C ASN A 568 -21.79 -6.96 -16.88
N VAL A 569 -20.74 -6.83 -16.06
CA VAL A 569 -20.87 -7.07 -14.64
C VAL A 569 -21.59 -5.91 -13.95
N LYS A 570 -21.44 -4.72 -14.51
CA LYS A 570 -22.09 -3.53 -13.95
C LYS A 570 -23.62 -3.62 -14.10
N LEU A 571 -24.06 -4.43 -15.06
CA LEU A 571 -25.50 -4.61 -15.31
C LEU A 571 -26.00 -5.94 -14.76
N GLY A 572 -25.19 -6.58 -13.93
CA GLY A 572 -25.60 -7.80 -13.24
C GLY A 572 -25.28 -9.09 -13.98
N GLY A 573 -24.46 -8.99 -15.02
CA GLY A 573 -24.09 -10.15 -15.81
C GLY A 573 -22.99 -10.97 -15.17
N VAL A 574 -22.82 -12.20 -15.67
CA VAL A 574 -21.74 -13.08 -15.24
C VAL A 574 -20.81 -13.31 -16.43
N ASN A 575 -19.61 -12.75 -16.36
CA ASN A 575 -18.65 -12.89 -17.45
C ASN A 575 -18.23 -14.34 -17.64
N ASN A 576 -17.87 -14.97 -16.53
CA ASN A 576 -17.47 -16.37 -16.55
C ASN A 576 -17.46 -16.90 -15.12
N ILE A 577 -17.27 -18.21 -14.98
CA ILE A 577 -17.19 -18.83 -13.68
C ILE A 577 -16.09 -19.88 -13.67
N LEU A 578 -15.60 -20.21 -12.48
CA LEU A 578 -14.69 -21.33 -12.31
C LEU A 578 -15.38 -22.58 -12.81
N LEU A 579 -14.63 -23.47 -13.45
CA LEU A 579 -15.19 -24.76 -13.85
C LEU A 579 -15.72 -25.43 -12.59
N PRO A 580 -17.05 -25.58 -12.46
CA PRO A 580 -17.65 -26.06 -11.22
C PRO A 580 -17.01 -27.32 -10.64
N GLN A 581 -16.78 -28.33 -11.47
CA GLN A 581 -16.27 -29.60 -10.98
C GLN A 581 -14.78 -29.53 -10.64
N GLY A 582 -14.13 -28.44 -11.02
CA GLY A 582 -12.72 -28.24 -10.73
C GLY A 582 -12.48 -27.48 -9.43
N ARG A 583 -13.54 -27.19 -8.70
CA ARG A 583 -13.43 -26.47 -7.45
C ARG A 583 -13.07 -27.32 -6.24
N PRO A 584 -12.42 -26.71 -5.27
CA PRO A 584 -12.08 -27.46 -4.05
C PRO A 584 -13.31 -27.86 -3.24
N PRO A 585 -13.18 -28.86 -2.37
CA PRO A 585 -14.32 -29.44 -1.63
C PRO A 585 -15.01 -28.47 -0.67
N VAL A 586 -14.46 -27.28 -0.48
CA VAL A 586 -15.10 -26.30 0.39
C VAL A 586 -16.45 -25.87 -0.18
N PHE A 587 -16.60 -26.00 -1.50
CA PHE A 587 -17.81 -25.59 -2.19
C PHE A 587 -18.94 -26.61 -2.07
N GLN A 588 -18.72 -27.68 -1.31
CA GLN A 588 -19.74 -28.70 -1.10
C GLN A 588 -20.88 -28.18 -0.23
N GLN A 589 -20.58 -27.19 0.60
CA GLN A 589 -21.59 -26.53 1.43
C GLN A 589 -21.62 -25.04 1.10
N PRO A 590 -22.75 -24.37 1.36
CA PRO A 590 -22.80 -22.91 1.20
C PRO A 590 -21.65 -22.21 1.94
N VAL A 591 -20.95 -21.34 1.22
CA VAL A 591 -19.81 -20.62 1.76
C VAL A 591 -19.81 -19.20 1.22
N ILE A 592 -19.38 -18.25 2.05
CA ILE A 592 -19.27 -16.85 1.62
C ILE A 592 -17.82 -16.40 1.73
N PHE A 593 -17.32 -15.79 0.67
CA PHE A 593 -15.98 -15.24 0.64
C PHE A 593 -16.02 -13.75 0.86
N LEU A 594 -15.26 -13.29 1.85
CA LEU A 594 -15.21 -11.87 2.19
C LEU A 594 -13.83 -11.31 1.85
N GLY A 595 -13.81 -10.07 1.39
CA GLY A 595 -12.59 -9.34 1.15
C GLY A 595 -12.65 -8.04 1.91
N ALA A 596 -11.58 -7.72 2.64
CA ALA A 596 -11.55 -6.52 3.47
C ALA A 596 -10.26 -5.74 3.26
N ASP A 597 -10.40 -4.41 3.16
CA ASP A 597 -9.26 -3.53 3.02
C ASP A 597 -9.61 -2.16 3.57
N VAL A 598 -8.61 -1.44 4.06
CA VAL A 598 -8.81 -0.08 4.52
C VAL A 598 -7.70 0.82 3.97
N THR A 599 -8.10 1.92 3.34
CA THR A 599 -7.18 2.85 2.71
C THR A 599 -7.05 4.11 3.56
N HIS A 600 -5.82 4.57 3.74
CA HIS A 600 -5.53 5.72 4.59
C HIS A 600 -5.10 6.92 3.76
N PRO A 601 -5.42 8.13 4.25
CA PRO A 601 -4.91 9.35 3.62
C PRO A 601 -3.47 9.63 4.04
N PRO A 602 -2.84 10.63 3.49
CA PRO A 602 -1.44 10.91 3.81
C PRO A 602 -1.32 11.15 5.30
N ALA A 603 -0.31 10.57 5.91
CA ALA A 603 -0.14 10.73 7.33
C ALA A 603 0.18 12.15 7.62
N GLY A 604 -0.43 12.67 8.66
CA GLY A 604 -0.17 14.01 9.10
C GLY A 604 -1.03 15.07 8.46
N ASP A 605 -1.74 14.76 7.38
CA ASP A 605 -2.63 15.73 6.79
C ASP A 605 -3.71 15.98 7.81
N GLY A 606 -4.24 14.88 8.35
CA GLY A 606 -5.22 14.88 9.39
C GLY A 606 -6.60 15.15 8.91
N LYS A 607 -7.52 15.14 9.85
CA LYS A 607 -8.89 15.53 9.56
C LYS A 607 -9.47 14.82 8.33
N LYS A 608 -8.73 13.85 7.79
CA LYS A 608 -9.19 13.05 6.66
C LYS A 608 -9.39 11.62 7.15
N PRO A 609 -10.60 11.06 6.93
CA PRO A 609 -10.88 9.73 7.49
C PRO A 609 -10.26 8.60 6.70
N SER A 610 -10.02 7.47 7.37
CA SER A 610 -9.68 6.23 6.68
C SER A 610 -10.97 5.63 6.14
N ILE A 611 -10.85 4.85 5.08
CA ILE A 611 -12.00 4.24 4.42
C ILE A 611 -11.90 2.73 4.46
N ALA A 612 -12.79 2.11 5.22
CA ALA A 612 -12.85 0.66 5.32
C ALA A 612 -13.88 0.12 4.32
N ALA A 613 -13.55 -0.99 3.68
CA ALA A 613 -14.44 -1.63 2.72
C ALA A 613 -14.46 -3.14 2.94
N VAL A 614 -15.65 -3.71 2.89
CA VAL A 614 -15.82 -5.16 2.97
C VAL A 614 -16.79 -5.62 1.88
N VAL A 615 -16.36 -6.57 1.07
CA VAL A 615 -17.19 -7.15 0.03
C VAL A 615 -17.49 -8.61 0.36
N GLY A 616 -18.57 -9.15 -0.20
CA GLY A 616 -18.95 -10.52 0.02
C GLY A 616 -19.54 -11.17 -1.20
N SER A 617 -19.13 -12.42 -1.47
CA SER A 617 -19.67 -13.17 -2.58
C SER A 617 -21.15 -13.42 -2.38
N MET A 618 -21.91 -13.48 -3.47
CA MET A 618 -23.37 -13.61 -3.41
C MET A 618 -23.90 -14.79 -4.21
N ASP A 619 -23.01 -15.66 -4.68
CA ASP A 619 -23.41 -16.88 -5.36
C ASP A 619 -22.35 -17.96 -5.14
N ALA A 620 -22.57 -19.13 -5.72
CA ALA A 620 -21.73 -20.30 -5.45
C ALA A 620 -20.60 -20.46 -6.47
N HIS A 621 -20.54 -19.56 -7.46
CA HIS A 621 -19.62 -19.74 -8.57
C HIS A 621 -18.13 -19.76 -8.17
N PRO A 622 -17.65 -18.74 -7.43
CA PRO A 622 -18.26 -17.48 -6.98
C PRO A 622 -17.91 -16.32 -7.91
N ASN A 623 -18.89 -15.48 -8.25
CA ASN A 623 -18.68 -14.41 -9.22
C ASN A 623 -19.16 -13.04 -8.74
N ARG A 624 -20.46 -12.95 -8.41
CA ARG A 624 -21.06 -11.68 -8.02
C ARG A 624 -20.68 -11.30 -6.58
N TYR A 625 -20.50 -10.01 -6.34
CA TYR A 625 -20.13 -9.51 -5.02
C TYR A 625 -20.94 -8.26 -4.67
N CYS A 626 -21.34 -8.16 -3.40
CA CYS A 626 -21.91 -6.94 -2.86
C CYS A 626 -20.87 -6.23 -2.00
N ALA A 627 -20.97 -4.92 -1.93
CA ALA A 627 -19.98 -4.10 -1.24
C ALA A 627 -20.58 -3.40 -0.01
N THR A 628 -19.74 -3.24 1.01
CA THR A 628 -20.03 -2.37 2.13
C THR A 628 -18.83 -1.46 2.36
N VAL A 629 -19.08 -0.20 2.66
CA VAL A 629 -18.01 0.77 2.85
C VAL A 629 -18.35 1.71 3.99
N ARG A 630 -17.33 2.06 4.78
CA ARG A 630 -17.50 2.96 5.91
C ARG A 630 -16.36 3.95 5.99
N VAL A 631 -16.66 5.14 6.48
CA VAL A 631 -15.63 6.08 6.90
C VAL A 631 -15.34 5.80 8.37
N GLN A 632 -14.09 5.96 8.78
CA GLN A 632 -13.73 5.76 10.17
C GLN A 632 -12.53 6.63 10.57
N GLN A 633 -12.04 6.41 11.78
CA GLN A 633 -10.98 7.24 12.35
C GLN A 633 -9.77 7.35 11.42
N HIS A 634 -9.19 8.55 11.40
CA HIS A 634 -7.98 8.84 10.64
C HIS A 634 -6.85 7.87 10.97
N ARG A 635 -6.40 7.13 9.96
CA ARG A 635 -5.28 6.19 10.07
C ARG A 635 -5.55 5.03 11.03
N GLN A 636 -6.82 4.73 11.25
CA GLN A 636 -7.21 3.58 12.07
C GLN A 636 -7.25 2.32 11.19
N GLU A 637 -6.49 1.30 11.57
CA GLU A 637 -6.34 0.11 10.74
C GLU A 637 -7.45 -0.91 11.01
N ILE A 638 -7.90 -0.98 12.26
CA ILE A 638 -8.99 -1.87 12.61
C ILE A 638 -10.27 -1.39 11.96
N ILE A 639 -11.00 -2.30 11.32
CA ILE A 639 -12.30 -1.96 10.75
C ILE A 639 -13.29 -1.83 11.89
N GLN A 640 -13.63 -0.58 12.23
CA GLN A 640 -14.45 -0.28 13.40
C GLN A 640 -15.83 -0.92 13.35
N ASP A 641 -16.52 -0.77 12.22
CA ASP A 641 -17.91 -1.17 12.11
C ASP A 641 -18.04 -2.51 11.40
N LEU A 642 -17.06 -3.39 11.58
CA LEU A 642 -17.00 -4.63 10.83
C LEU A 642 -18.21 -5.53 11.08
N ALA A 643 -18.60 -5.66 12.34
CA ALA A 643 -19.75 -6.49 12.69
C ALA A 643 -20.97 -6.13 11.85
N ALA A 644 -21.29 -4.84 11.81
CA ALA A 644 -22.44 -4.36 11.05
C ALA A 644 -22.29 -4.64 9.55
N MET A 645 -21.09 -4.45 9.02
CA MET A 645 -20.83 -4.66 7.61
C MET A 645 -20.96 -6.14 7.23
N VAL A 646 -20.46 -7.01 8.10
CA VAL A 646 -20.54 -8.44 7.86
C VAL A 646 -22.00 -8.92 7.96
N ARG A 647 -22.74 -8.33 8.88
CA ARG A 647 -24.16 -8.62 9.02
C ARG A 647 -24.89 -8.33 7.71
N GLU A 648 -24.68 -7.12 7.18
CA GLU A 648 -25.31 -6.72 5.92
C GLU A 648 -25.01 -7.71 4.80
N LEU A 649 -23.78 -8.21 4.75
CA LEU A 649 -23.36 -9.10 3.67
C LEU A 649 -23.97 -10.49 3.85
N LEU A 650 -24.06 -10.95 5.08
CA LEU A 650 -24.70 -12.24 5.36
C LEU A 650 -26.18 -12.18 4.96
N ILE A 651 -26.83 -11.07 5.29
CA ILE A 651 -28.23 -10.88 4.92
C ILE A 651 -28.42 -10.97 3.41
N GLN A 652 -27.61 -10.23 2.66
CA GLN A 652 -27.71 -10.20 1.20
C GLN A 652 -27.39 -11.55 0.58
N PHE A 653 -26.44 -12.26 1.18
CA PHE A 653 -26.10 -13.61 0.73
C PHE A 653 -27.33 -14.51 0.84
N TYR A 654 -28.04 -14.41 1.95
CA TYR A 654 -29.21 -15.24 2.18
C TYR A 654 -30.33 -14.88 1.22
N LYS A 655 -30.49 -13.59 0.95
CA LYS A 655 -31.55 -13.13 0.05
C LYS A 655 -31.26 -13.55 -1.39
N SER A 656 -29.97 -13.65 -1.74
CA SER A 656 -29.57 -13.98 -3.10
C SER A 656 -29.56 -15.48 -3.35
N THR A 657 -29.20 -16.25 -2.33
CA THR A 657 -28.97 -17.69 -2.50
C THR A 657 -29.92 -18.56 -1.68
N ARG A 658 -30.78 -17.93 -0.88
CA ARG A 658 -31.67 -18.64 0.05
C ARG A 658 -30.91 -19.64 0.93
N PHE A 659 -29.62 -19.38 1.13
CA PHE A 659 -28.76 -20.20 1.99
C PHE A 659 -28.05 -19.36 3.04
N LYS A 660 -27.85 -19.95 4.22
CA LYS A 660 -27.02 -19.36 5.25
C LYS A 660 -25.64 -20.00 5.17
N PRO A 661 -24.57 -19.19 5.07
CA PRO A 661 -23.23 -19.77 4.94
C PRO A 661 -22.83 -20.67 6.11
N THR A 662 -22.28 -21.84 5.81
CA THR A 662 -21.74 -22.73 6.84
C THR A 662 -20.28 -22.38 7.13
N ARG A 663 -19.68 -21.61 6.22
CA ARG A 663 -18.28 -21.21 6.34
C ARG A 663 -18.07 -19.77 5.87
N ILE A 664 -17.26 -19.03 6.62
CA ILE A 664 -16.89 -17.67 6.25
C ILE A 664 -15.38 -17.63 6.01
N ILE A 665 -14.99 -17.34 4.78
CA ILE A 665 -13.59 -17.22 4.41
C ILE A 665 -13.25 -15.75 4.25
N PHE A 666 -12.38 -15.25 5.12
CA PHE A 666 -12.14 -13.82 5.27
C PHE A 666 -10.71 -13.45 4.86
N TYR A 667 -10.58 -12.87 3.66
CA TYR A 667 -9.29 -12.36 3.18
C TYR A 667 -9.10 -10.89 3.55
N ARG A 668 -8.18 -10.65 4.48
CA ARG A 668 -7.93 -9.32 5.02
C ARG A 668 -6.64 -8.76 4.42
N ASP A 669 -6.74 -7.63 3.73
CA ASP A 669 -5.58 -7.00 3.10
C ASP A 669 -5.21 -5.72 3.83
N GLY A 670 -3.93 -5.39 3.80
CA GLY A 670 -3.44 -4.13 4.35
C GLY A 670 -3.10 -4.20 5.82
N VAL A 671 -2.58 -5.33 6.27
CA VAL A 671 -2.20 -5.50 7.67
C VAL A 671 -0.77 -6.03 7.80
N SER A 672 0.02 -5.37 8.62
CA SER A 672 1.41 -5.77 8.85
C SER A 672 1.50 -6.77 10.00
N GLU A 673 2.65 -7.41 10.13
CA GLU A 673 2.85 -8.45 11.13
C GLU A 673 2.67 -7.94 12.56
N GLY A 674 3.07 -6.70 12.81
CA GLY A 674 2.99 -6.13 14.14
C GLY A 674 1.58 -5.85 14.62
N GLN A 675 0.62 -5.98 13.70
CA GLN A 675 -0.78 -5.65 13.98
C GLN A 675 -1.67 -6.88 14.08
N PHE A 676 -1.11 -8.04 13.73
CA PHE A 676 -1.88 -9.29 13.63
C PHE A 676 -2.75 -9.59 14.85
N GLN A 677 -2.20 -9.45 16.05
CA GLN A 677 -2.94 -9.81 17.25
C GLN A 677 -4.05 -8.80 17.54
N GLN A 678 -3.80 -7.53 17.24
CA GLN A 678 -4.82 -6.50 17.44
C GLN A 678 -5.96 -6.66 16.45
N VAL A 679 -5.63 -6.88 15.18
CA VAL A 679 -6.65 -7.03 14.15
C VAL A 679 -7.44 -8.33 14.37
N LEU A 680 -6.73 -9.40 14.70
CA LEU A 680 -7.38 -10.70 14.86
C LEU A 680 -8.36 -10.66 16.02
N HIS A 681 -7.98 -9.96 17.08
CA HIS A 681 -8.80 -9.89 18.28
C HIS A 681 -10.13 -9.20 18.02
N HIS A 682 -10.07 -7.97 17.50
CA HIS A 682 -11.29 -7.19 17.27
C HIS A 682 -12.12 -7.72 16.12
N GLU A 683 -11.46 -8.08 15.02
CA GLU A 683 -12.20 -8.39 13.81
C GLU A 683 -12.76 -9.80 13.78
N LEU A 684 -12.06 -10.77 14.38
CA LEU A 684 -12.62 -12.11 14.49
C LEU A 684 -13.83 -12.10 15.41
N LEU A 685 -13.74 -11.33 16.50
CA LEU A 685 -14.85 -11.21 17.42
C LEU A 685 -16.02 -10.50 16.75
N ALA A 686 -15.72 -9.47 15.96
CA ALA A 686 -16.73 -8.73 15.22
C ALA A 686 -17.45 -9.62 14.22
N ILE A 687 -16.71 -10.49 13.54
CA ILE A 687 -17.33 -11.44 12.61
C ILE A 687 -18.24 -12.37 13.38
N ARG A 688 -17.75 -12.89 14.51
CA ARG A 688 -18.56 -13.75 15.36
C ARG A 688 -19.81 -13.01 15.83
N GLU A 689 -19.64 -11.76 16.25
CA GLU A 689 -20.73 -10.95 16.76
C GLU A 689 -21.82 -10.78 15.70
N ALA A 690 -21.40 -10.66 14.44
CA ALA A 690 -22.35 -10.53 13.33
C ALA A 690 -23.24 -11.76 13.24
N CYS A 691 -22.62 -12.94 13.33
CA CYS A 691 -23.34 -14.20 13.27
C CYS A 691 -24.34 -14.34 14.41
N ILE A 692 -23.88 -14.05 15.64
CA ILE A 692 -24.71 -14.20 16.83
C ILE A 692 -25.88 -13.23 16.80
N LYS A 693 -25.60 -11.99 16.39
CA LYS A 693 -26.63 -10.95 16.29
C LYS A 693 -27.69 -11.33 15.27
N LEU A 694 -27.32 -12.25 14.37
CA LEU A 694 -28.22 -12.69 13.31
C LEU A 694 -29.12 -13.80 13.83
N GLU A 695 -28.56 -14.70 14.61
CA GLU A 695 -29.27 -15.90 15.05
C GLU A 695 -28.43 -16.63 16.09
N LYS A 696 -29.06 -16.98 17.21
CA LYS A 696 -28.36 -17.46 18.40
C LYS A 696 -27.38 -18.61 18.13
N ASP A 697 -27.85 -19.67 17.47
CA ASP A 697 -27.03 -20.87 17.30
C ASP A 697 -26.30 -20.89 15.95
N TYR A 698 -26.23 -19.75 15.28
CA TYR A 698 -25.55 -19.66 13.99
C TYR A 698 -24.05 -19.45 14.18
N GLN A 699 -23.29 -20.53 14.00
CA GLN A 699 -21.85 -20.50 14.20
C GLN A 699 -21.11 -21.13 13.02
N PRO A 700 -21.05 -20.43 11.89
CA PRO A 700 -20.27 -20.95 10.76
C PRO A 700 -18.78 -20.94 11.07
N GLY A 701 -18.03 -21.86 10.47
CA GLY A 701 -16.60 -21.89 10.64
C GLY A 701 -15.93 -20.73 9.95
N ILE A 702 -15.05 -20.03 10.67
CA ILE A 702 -14.36 -18.86 10.13
C ILE A 702 -12.90 -19.15 9.82
N THR A 703 -12.47 -18.81 8.61
CA THR A 703 -11.07 -18.83 8.24
C THR A 703 -10.60 -17.40 8.00
N PHE A 704 -9.67 -16.94 8.84
CA PHE A 704 -9.16 -15.58 8.79
C PHE A 704 -7.77 -15.57 8.15
N ILE A 705 -7.66 -14.94 6.98
CA ILE A 705 -6.42 -14.91 6.22
C ILE A 705 -5.97 -13.50 5.93
N VAL A 706 -4.78 -13.14 6.39
CA VAL A 706 -4.18 -11.86 6.04
C VAL A 706 -3.39 -12.00 4.74
N VAL A 707 -3.66 -11.13 3.79
CA VAL A 707 -2.94 -11.13 2.52
C VAL A 707 -2.01 -9.91 2.48
N GLN A 708 -0.76 -10.13 2.10
CA GLN A 708 0.26 -9.08 2.14
C GLN A 708 1.05 -9.01 0.84
N LYS A 709 1.03 -7.83 0.23
CA LYS A 709 1.84 -7.53 -0.95
C LYS A 709 3.05 -6.68 -0.55
N ARG A 710 2.89 -5.90 0.51
CA ARG A 710 3.94 -5.00 0.97
C ARG A 710 4.98 -5.73 1.83
N HIS A 711 5.87 -6.44 1.16
CA HIS A 711 6.96 -7.15 1.81
C HIS A 711 8.14 -7.24 0.85
N HIS A 712 9.27 -7.75 1.30
CA HIS A 712 10.50 -7.74 0.50
C HIS A 712 11.00 -9.15 0.18
N THR A 713 10.07 -10.09 0.13
CA THR A 713 10.36 -11.45 -0.31
C THR A 713 10.28 -11.53 -1.81
N ARG A 714 11.37 -11.98 -2.44
CA ARG A 714 11.41 -12.15 -3.88
C ARG A 714 11.87 -13.56 -4.22
N LEU A 715 11.24 -14.17 -5.20
CA LEU A 715 11.58 -15.52 -5.66
C LEU A 715 12.09 -15.47 -7.10
N PHE A 716 13.14 -16.23 -7.36
CA PHE A 716 13.77 -16.26 -8.68
C PHE A 716 13.93 -17.69 -9.16
N CYS A 717 13.75 -17.90 -10.45
CA CYS A 717 14.01 -19.20 -11.07
C CYS A 717 15.48 -19.55 -11.01
N THR A 718 15.79 -20.75 -10.53
CA THR A 718 17.15 -21.25 -10.55
C THR A 718 17.49 -21.71 -11.96
N ASP A 719 16.51 -22.32 -12.62
CA ASP A 719 16.67 -22.79 -14.00
C ASP A 719 16.14 -21.74 -14.97
N LYS A 720 17.00 -21.31 -15.88
CA LYS A 720 16.64 -20.28 -16.87
C LYS A 720 15.41 -20.65 -17.69
N ASN A 721 15.27 -21.94 -18.00
CA ASN A 721 14.16 -22.41 -18.81
C ASN A 721 12.80 -22.21 -18.15
N GLU A 722 12.80 -21.92 -16.85
CA GLU A 722 11.56 -21.69 -16.12
C GLU A 722 11.17 -20.21 -16.08
N ARG A 723 12.07 -19.34 -16.52
CA ARG A 723 11.77 -17.91 -16.58
C ARG A 723 10.68 -17.63 -17.60
N VAL A 724 9.71 -16.81 -17.19
CA VAL A 724 8.58 -16.45 -18.05
C VAL A 724 8.69 -15.02 -18.55
N GLY A 725 8.62 -14.84 -19.87
CA GLY A 725 8.57 -13.53 -20.47
C GLY A 725 9.87 -12.75 -20.41
N LYS A 726 9.83 -11.52 -20.92
CA LYS A 726 11.01 -10.66 -20.97
C LYS A 726 11.51 -10.32 -19.56
N SER A 727 10.60 -10.24 -18.60
CA SER A 727 10.95 -9.92 -17.22
C SER A 727 11.57 -11.12 -16.51
N GLY A 728 11.47 -12.29 -17.13
CA GLY A 728 12.07 -13.51 -16.61
C GLY A 728 11.63 -13.90 -15.21
N ASN A 729 10.35 -13.67 -14.90
CA ASN A 729 9.82 -13.98 -13.58
C ASN A 729 9.37 -15.43 -13.42
N ILE A 730 9.15 -15.82 -12.17
CA ILE A 730 8.56 -17.11 -11.85
C ILE A 730 7.18 -17.22 -12.52
N PRO A 731 6.74 -18.45 -12.85
CA PRO A 731 5.44 -18.59 -13.51
C PRO A 731 4.28 -18.34 -12.56
N ALA A 732 3.12 -18.04 -13.13
CA ALA A 732 1.92 -17.86 -12.34
C ALA A 732 1.58 -19.18 -11.65
N GLY A 733 1.26 -19.11 -10.36
CA GLY A 733 0.87 -20.29 -9.60
C GLY A 733 1.97 -20.89 -8.73
N THR A 734 3.17 -20.30 -8.74
CA THR A 734 4.26 -20.82 -7.92
C THR A 734 3.99 -20.60 -6.44
N THR A 735 4.10 -21.68 -5.67
CA THR A 735 3.77 -21.67 -4.25
C THR A 735 4.94 -22.16 -3.40
N VAL A 736 5.16 -21.48 -2.28
CA VAL A 736 6.20 -21.86 -1.33
C VAL A 736 5.63 -21.78 0.08
N ASP A 737 5.65 -22.92 0.79
CA ASP A 737 5.23 -22.96 2.19
C ASP A 737 6.34 -23.56 3.06
N THR A 738 7.54 -23.61 2.50
CA THR A 738 8.70 -24.19 3.18
C THR A 738 9.89 -23.24 3.20
N LYS A 739 10.90 -23.61 4.00
CA LYS A 739 12.22 -22.94 4.02
C LYS A 739 12.21 -21.50 4.54
N ILE A 740 11.41 -20.63 3.92
CA ILE A 740 11.43 -19.20 4.25
C ILE A 740 10.16 -18.73 4.94
N THR A 741 9.31 -19.68 5.29
CA THR A 741 8.03 -19.38 5.92
C THR A 741 8.10 -19.49 7.44
N HIS A 742 6.98 -19.25 8.11
CA HIS A 742 6.94 -19.24 9.56
C HIS A 742 7.25 -20.64 10.08
N PRO A 743 8.06 -20.72 11.16
CA PRO A 743 8.48 -22.03 11.68
C PRO A 743 7.35 -22.91 12.26
N THR A 744 6.25 -22.30 12.70
CA THR A 744 5.20 -23.05 13.38
C THR A 744 3.80 -22.79 12.81
N GLU A 745 3.60 -21.60 12.24
CA GLU A 745 2.26 -21.18 11.85
C GLU A 745 1.95 -21.47 10.39
N PHE A 746 0.71 -21.19 10.02
CA PHE A 746 0.15 -21.57 8.74
C PHE A 746 0.25 -20.41 7.74
N ASP A 747 1.33 -20.38 6.96
CA ASP A 747 1.53 -19.31 5.99
C ASP A 747 2.23 -19.79 4.72
N PHE A 748 2.00 -19.06 3.63
CA PHE A 748 2.59 -19.40 2.34
C PHE A 748 2.62 -18.20 1.41
N TYR A 749 3.59 -18.20 0.50
CA TYR A 749 3.62 -17.24 -0.60
C TYR A 749 2.96 -17.86 -1.82
N LEU A 750 2.23 -17.04 -2.56
CA LEU A 750 1.61 -17.48 -3.81
C LEU A 750 1.70 -16.38 -4.84
N CYS A 751 2.53 -16.60 -5.84
CA CYS A 751 2.60 -15.71 -6.98
C CYS A 751 1.55 -16.17 -7.97
N SER A 752 0.33 -15.65 -7.81
CA SER A 752 -0.80 -16.08 -8.62
C SER A 752 -0.81 -15.44 -10.01
N HIS A 753 -0.02 -14.40 -10.20
CA HIS A 753 -0.06 -13.61 -11.43
C HIS A 753 1.20 -13.79 -12.29
N ALA A 754 1.06 -13.48 -13.57
CA ALA A 754 2.21 -13.44 -14.45
C ALA A 754 2.84 -12.05 -14.36
N GLY A 755 4.17 -12.02 -14.28
CA GLY A 755 4.90 -10.76 -14.23
C GLY A 755 5.04 -10.13 -15.59
N ILE A 756 4.40 -9.01 -15.80
CA ILE A 756 4.57 -8.22 -16.99
C ILE A 756 5.85 -7.44 -17.12
N GLN A 757 6.24 -6.76 -16.06
CA GLN A 757 7.49 -6.03 -16.01
C GLN A 757 7.98 -5.94 -14.60
N GLY A 758 9.28 -5.77 -14.47
CA GLY A 758 9.90 -5.70 -13.19
C GLY A 758 9.88 -7.04 -12.54
N THR A 759 10.12 -7.08 -11.25
CA THR A 759 10.15 -8.32 -10.55
C THR A 759 8.84 -8.51 -9.78
N SER A 760 8.27 -9.66 -9.95
CA SER A 760 7.00 -9.99 -9.36
C SER A 760 7.06 -10.02 -7.87
N ARG A 761 6.04 -9.49 -7.23
CA ARG A 761 5.87 -9.63 -5.82
C ARG A 761 4.96 -10.76 -5.55
N PRO A 762 5.53 -11.90 -4.99
CA PRO A 762 4.57 -12.93 -4.63
C PRO A 762 3.78 -12.58 -3.38
N SER A 763 2.48 -12.76 -3.45
CA SER A 763 1.65 -12.47 -2.31
C SER A 763 1.89 -13.43 -1.19
N HIS A 764 1.84 -12.91 0.01
CA HIS A 764 1.94 -13.71 1.20
C HIS A 764 0.60 -13.86 1.88
N TYR A 765 0.28 -15.06 2.33
CA TYR A 765 -0.96 -15.36 3.02
C TYR A 765 -0.70 -15.99 4.37
N HIS A 766 -1.20 -15.35 5.42
CA HIS A 766 -1.01 -15.82 6.79
C HIS A 766 -2.36 -16.13 7.43
N VAL A 767 -2.55 -17.39 7.81
CA VAL A 767 -3.80 -17.84 8.39
C VAL A 767 -3.82 -17.57 9.90
N LEU A 768 -4.55 -16.53 10.29
CA LEU A 768 -4.62 -16.16 11.71
C LEU A 768 -5.67 -16.97 12.46
N TRP A 769 -6.59 -17.60 11.73
CA TRP A 769 -7.62 -18.42 12.37
C TRP A 769 -8.26 -19.33 11.33
N ASP A 770 -8.62 -20.55 11.75
CA ASP A 770 -9.18 -21.52 10.82
C ASP A 770 -10.02 -22.59 11.52
N ASP A 771 -11.31 -22.31 11.71
CA ASP A 771 -12.24 -23.29 12.25
C ASP A 771 -12.44 -24.45 11.30
N ASN A 772 -12.17 -24.20 10.02
CA ASN A 772 -12.52 -25.14 8.96
C ASN A 772 -11.43 -26.17 8.67
N ARG A 773 -10.33 -26.09 9.41
CA ARG A 773 -9.27 -27.09 9.31
C ARG A 773 -8.86 -27.38 7.87
N PHE A 774 -8.53 -26.32 7.15
CA PHE A 774 -8.02 -26.46 5.80
C PHE A 774 -6.70 -27.23 5.81
N SER A 775 -6.48 -28.05 4.79
CA SER A 775 -5.15 -28.57 4.51
C SER A 775 -4.39 -27.47 3.77
N SER A 776 -3.07 -27.64 3.65
CA SER A 776 -2.26 -26.65 2.94
C SER A 776 -2.69 -26.57 1.48
N ASP A 777 -2.78 -27.72 0.84
CA ASP A 777 -3.12 -27.79 -0.59
C ASP A 777 -4.45 -27.12 -0.91
N GLU A 778 -5.51 -27.51 -0.22
CA GLU A 778 -6.84 -27.00 -0.52
C GLU A 778 -6.92 -25.49 -0.37
N LEU A 779 -6.35 -24.95 0.70
CA LEU A 779 -6.36 -23.51 0.91
C LEU A 779 -5.57 -22.79 -0.16
N GLN A 780 -4.38 -23.31 -0.48
CA GLN A 780 -3.55 -22.73 -1.53
C GLN A 780 -4.24 -22.78 -2.89
N ILE A 781 -4.84 -23.92 -3.22
CA ILE A 781 -5.56 -24.05 -4.48
C ILE A 781 -6.78 -23.13 -4.49
N LEU A 782 -7.45 -23.02 -3.35
CA LEU A 782 -8.61 -22.15 -3.24
C LEU A 782 -8.23 -20.69 -3.52
N THR A 783 -7.21 -20.20 -2.82
CA THR A 783 -6.72 -18.83 -3.02
C THR A 783 -6.41 -18.60 -4.49
N TYR A 784 -5.68 -19.53 -5.08
CA TYR A 784 -5.27 -19.39 -6.47
C TYR A 784 -6.46 -19.30 -7.41
N GLN A 785 -7.47 -20.16 -7.20
CA GLN A 785 -8.65 -20.12 -8.07
C GLN A 785 -9.42 -18.82 -7.92
N LEU A 786 -9.45 -18.27 -6.71
CA LEU A 786 -10.13 -16.99 -6.47
C LEU A 786 -9.44 -15.84 -7.20
N CYS A 787 -8.16 -16.00 -7.51
CA CYS A 787 -7.44 -15.01 -8.30
C CYS A 787 -7.85 -15.05 -9.77
N HIS A 788 -8.60 -16.07 -10.16
CA HIS A 788 -9.07 -16.21 -11.55
C HIS A 788 -10.52 -15.75 -11.75
N THR A 789 -11.13 -15.24 -10.68
CA THR A 789 -12.54 -14.84 -10.72
C THR A 789 -12.69 -13.33 -10.85
N TYR A 790 -11.56 -12.63 -10.92
CA TYR A 790 -11.54 -11.18 -11.05
C TYR A 790 -12.07 -10.79 -12.43
N VAL A 791 -13.17 -10.02 -12.46
CA VAL A 791 -13.93 -9.85 -13.69
C VAL A 791 -13.42 -8.76 -14.64
N ARG A 792 -12.50 -7.91 -14.17
CA ARG A 792 -12.07 -6.77 -14.97
C ARG A 792 -11.01 -7.13 -16.01
N CYS A 793 -10.56 -8.38 -16.00
CA CYS A 793 -9.62 -8.86 -17.00
C CYS A 793 -9.58 -10.38 -17.07
N THR A 794 -9.21 -10.91 -18.23
CA THR A 794 -9.02 -12.35 -18.40
C THR A 794 -7.60 -12.74 -17.99
N ARG A 795 -7.26 -12.38 -16.76
CA ARG A 795 -5.94 -12.65 -16.19
C ARG A 795 -6.07 -13.13 -14.75
N SER A 796 -5.12 -13.95 -14.32
CA SER A 796 -5.00 -14.29 -12.92
C SER A 796 -4.31 -13.12 -12.21
N VAL A 797 -5.00 -12.50 -11.25
CA VAL A 797 -4.49 -11.32 -10.58
C VAL A 797 -3.70 -11.68 -9.32
N SER A 798 -2.99 -10.70 -8.77
CA SER A 798 -1.99 -10.96 -7.74
C SER A 798 -2.57 -11.23 -6.35
N ILE A 799 -3.87 -10.96 -6.18
CA ILE A 799 -4.56 -11.25 -4.93
C ILE A 799 -5.98 -11.72 -5.25
N PRO A 800 -6.60 -12.48 -4.34
CA PRO A 800 -7.96 -12.99 -4.60
C PRO A 800 -8.94 -11.86 -4.94
N ALA A 801 -9.88 -12.14 -5.84
CA ALA A 801 -10.83 -11.13 -6.28
C ALA A 801 -11.50 -10.35 -5.14
N PRO A 802 -12.00 -11.06 -4.11
CA PRO A 802 -12.67 -10.31 -3.03
C PRO A 802 -11.77 -9.27 -2.37
N ALA A 803 -10.51 -9.62 -2.14
CA ALA A 803 -9.57 -8.67 -1.57
C ALA A 803 -9.35 -7.51 -2.53
N TYR A 804 -9.29 -7.82 -3.81
CA TYR A 804 -9.08 -6.80 -4.84
C TYR A 804 -10.31 -5.89 -4.93
N TYR A 805 -11.49 -6.49 -4.92
CA TYR A 805 -12.74 -5.73 -4.97
C TYR A 805 -12.87 -4.77 -3.78
N ALA A 806 -12.43 -5.21 -2.61
CA ALA A 806 -12.47 -4.36 -1.42
C ALA A 806 -11.65 -3.11 -1.64
N HIS A 807 -10.49 -3.27 -2.28
CA HIS A 807 -9.65 -2.14 -2.61
C HIS A 807 -10.38 -1.19 -3.56
N LEU A 808 -11.01 -1.75 -4.58
CA LEU A 808 -11.75 -0.94 -5.56
C LEU A 808 -12.88 -0.17 -4.89
N VAL A 809 -13.59 -0.82 -3.99
CA VAL A 809 -14.70 -0.19 -3.28
C VAL A 809 -14.21 0.98 -2.44
N ALA A 810 -13.13 0.77 -1.70
CA ALA A 810 -12.56 1.81 -0.86
C ALA A 810 -12.03 2.96 -1.71
N PHE A 811 -11.52 2.65 -2.88
CA PHE A 811 -10.95 3.66 -3.77
C PHE A 811 -12.07 4.47 -4.44
N ARG A 812 -13.20 3.81 -4.69
CA ARG A 812 -14.35 4.49 -5.27
C ARG A 812 -14.95 5.48 -4.26
N ALA A 813 -14.78 5.20 -2.98
CA ALA A 813 -15.25 6.08 -1.93
C ALA A 813 -14.46 7.37 -1.90
N ARG A 814 -13.20 7.30 -2.33
CA ARG A 814 -12.35 8.49 -2.39
C ARG A 814 -12.91 9.51 -3.37
N TYR A 815 -13.52 9.02 -4.44
CA TYR A 815 -14.13 9.88 -5.45
C TYR A 815 -15.50 10.37 -4.98
N HIS A 816 -16.12 9.61 -4.09
CA HIS A 816 -17.37 10.03 -3.46
C HIS A 816 -17.12 11.13 -2.43
N LEU A 817 -15.86 11.47 -2.22
CA LEU A 817 -15.47 12.46 -1.21
C LEU A 817 -15.94 12.04 0.17
N HIS A 839 -19.33 14.86 10.27
CA HIS A 839 -18.95 13.46 10.14
C HIS A 839 -20.08 12.62 9.56
N GLN A 840 -21.30 12.95 9.96
CA GLN A 840 -22.49 12.26 9.43
C GLN A 840 -22.61 12.48 7.93
N ALA A 841 -22.07 13.61 7.46
CA ALA A 841 -22.08 13.93 6.04
C ALA A 841 -21.10 13.03 5.29
N LEU A 842 -19.94 12.81 5.88
CA LEU A 842 -18.94 11.92 5.29
C LEU A 842 -19.51 10.51 5.15
N ALA A 843 -20.26 10.08 6.17
CA ALA A 843 -20.87 8.77 6.15
C ALA A 843 -22.02 8.73 5.15
N LYS A 844 -22.66 9.87 4.94
CA LYS A 844 -23.75 9.97 3.97
C LYS A 844 -23.19 10.03 2.56
N ALA A 845 -22.09 10.75 2.39
CA ALA A 845 -21.50 10.94 1.07
C ALA A 845 -20.89 9.65 0.53
N VAL A 846 -20.59 8.71 1.43
CA VAL A 846 -20.05 7.41 1.03
C VAL A 846 -21.17 6.38 0.90
N GLN A 847 -22.36 6.75 1.36
CA GLN A 847 -23.50 5.86 1.29
C GLN A 847 -23.99 5.76 -0.17
N VAL A 848 -24.28 4.53 -0.59
CA VAL A 848 -24.61 4.24 -1.97
C VAL A 848 -26.12 4.01 -2.16
N HIS A 849 -26.63 4.33 -3.34
CA HIS A 849 -28.06 4.21 -3.64
C HIS A 849 -28.59 2.80 -3.40
N GLN A 850 -29.87 2.70 -3.09
CA GLN A 850 -30.52 1.40 -2.85
C GLN A 850 -30.46 0.51 -4.08
N ASP A 851 -30.70 1.12 -5.22
CA ASP A 851 -30.55 0.48 -6.52
C ASP A 851 -29.12 -0.04 -6.72
N THR A 852 -28.17 0.83 -6.45
CA THR A 852 -26.75 0.52 -6.62
C THR A 852 -26.23 -0.38 -5.50
N LEU A 853 -26.90 -0.36 -4.36
CA LEU A 853 -26.47 -1.11 -3.18
C LEU A 853 -26.19 -2.58 -3.49
N ARG A 854 -26.92 -3.15 -4.44
CA ARG A 854 -26.81 -4.58 -4.74
C ARG A 854 -25.93 -4.86 -5.97
N THR A 855 -25.42 -3.82 -6.61
CA THR A 855 -24.68 -3.99 -7.85
C THR A 855 -23.17 -3.90 -7.64
N MET A 856 -22.43 -4.21 -8.70
CA MET A 856 -20.97 -4.11 -8.67
C MET A 856 -20.53 -2.84 -9.38
N TYR A 857 -20.95 -1.72 -8.83
CA TYR A 857 -20.63 -0.40 -9.34
C TYR A 857 -19.13 -0.12 -9.34
N PHE A 858 -18.41 -0.83 -8.48
CA PHE A 858 -16.99 -0.57 -8.24
C PHE A 858 -16.10 -1.16 -9.33
N ALA A 859 -16.68 -1.98 -10.21
CA ALA A 859 -15.91 -2.59 -11.28
C ALA A 859 -15.43 -1.55 -12.28
OP3 6U0 B 1 -15.05 2.04 -15.21
P 6U0 B 1 -15.32 3.47 -14.78
OP1 6U0 B 1 -14.77 3.68 -13.39
OP2 6U0 B 1 -16.79 3.74 -15.03
O5' 6U0 B 1 -14.55 4.44 -15.77
C5' 6U0 B 1 -13.13 4.36 -15.93
C4' 6U0 B 1 -12.67 5.35 -16.96
O4' 6U0 B 1 -12.60 6.68 -16.37
C3' 6U0 B 1 -11.27 5.08 -17.56
O3' 6U0 B 1 -11.30 5.37 -18.95
C2' 6U0 B 1 -10.39 6.11 -16.84
O2' 6U0 B 1 -9.22 6.48 -17.54
C1' 6U0 B 1 -11.36 7.27 -16.68
C14 6U0 B 1 -10.90 8.15 -15.59
C15 6U0 B 1 -10.87 7.84 -14.25
N16 6U0 B 1 -10.36 8.94 -13.58
C17 6U0 B 1 -10.14 9.05 -12.17
C18 6U0 B 1 -9.24 10.26 -11.94
C19 6U0 B 1 -9.61 11.60 -11.91
N20 6U0 B 1 -8.47 12.35 -11.69
C21 6U0 B 1 -7.40 11.49 -11.57
C22 6U0 B 1 -5.95 11.86 -11.32
C23 6U0 B 1 -5.05 11.68 -12.30
C24 6U0 B 1 -3.60 12.05 -12.09
C25 6U0 B 1 -3.19 12.57 -10.90
C26 6U0 B 1 -4.21 12.78 -9.80
C27 6U0 B 1 -5.51 12.44 -9.99
N28 6U0 B 1 -7.88 10.19 -11.73
N29 6U0 B 1 -10.06 9.91 -14.51
N30 6U0 B 1 -10.39 9.42 -15.75
C1 IPH C . -29.39 -15.00 8.36
C2 IPH C . -28.66 -14.63 7.24
C3 IPH C . -27.40 -15.16 7.03
C4 IPH C . -26.86 -16.06 7.94
C5 IPH C . -27.59 -16.43 9.06
C6 IPH C . -28.85 -15.90 9.28
O1 IPH C . -30.67 -14.46 8.57
C1 IPH D . -21.96 -23.16 -2.47
C2 IPH D . -23.34 -23.18 -2.44
C3 IPH D . -24.04 -22.01 -2.19
C4 IPH D . -23.35 -20.83 -1.96
C5 IPH D . -21.97 -20.82 -2.00
C6 IPH D . -21.27 -21.99 -2.25
O1 IPH D . -21.24 -24.35 -2.73
C1 IPH E . -18.41 -18.42 17.12
C2 IPH E . -17.80 -18.93 15.99
C3 IPH E . -18.33 -18.65 14.74
C4 IPH E . -19.46 -17.85 14.63
C5 IPH E . -20.07 -17.33 15.76
C6 IPH E . -19.54 -17.62 17.01
O1 IPH E . -17.87 -18.70 18.39
#